data_6OYF
#
_entry.id   6OYF
#
_cell.length_a   152.965
_cell.length_b   90.749
_cell.length_c   98.218
_cell.angle_alpha   90.00
_cell.angle_beta   105.99
_cell.angle_gamma   90.00
#
_symmetry.space_group_name_H-M   'C 1 2 1'
#
loop_
_entity.id
_entity.type
_entity.pdbx_description
1 polymer Txo1
2 non-polymer 'FORMIC ACID'
3 non-polymer 'SULFATE ION'
4 non-polymer '4-(2-HYDROXYETHYL)-1-PIPERAZINE ETHANESULFONIC ACID'
5 non-polymer '2-(N-MORPHOLINO)-ETHANESULFONIC ACID'
6 non-polymer GLYCEROL
7 water water
#
_entity_poly.entity_id   1
_entity_poly.type   'polypeptide(L)'
_entity_poly.pdbx_seq_one_letter_code
;SNAPLSFAQQRLWFIAQMSREASGAYHVPGGLRLRGELDEVALRAALDRIMARHEVLRTRFEWHEGEPVQCIDAEARFPL
VRQELEGEAAELAHWQQVEARSPFDLGTGPLIRGRLLKLGAQEHVLLLTMHHIVSDGWSMSVLAHELGTLYRAYAQEGTA
PEVDPLPALPLQYADYALWQRRWLDGERQQRQLAYWQQQLAGAPALVSLPTDRPRPALQDYRGDSIELTFDAGLSQGLRA
LSQRHGTTLYMTVLAAWAALVARLAGQPEVVIGTPVANRQRAELEGLIGFFVNTLALRVDLGGEPSVAGLLAQVRERVLA
AQSHQDLPFEQVVEALKPERSLSHSPVFQLMLSWESSPPHALQMSPLRARPLAPVRERSAQFDLSLHLHEAADGTVAGSL
TYASALYERETVQRHAGYLKALLAGMVADDTQPVQRIGILGEAERHRLLVEWNDTAREHPRTVCVHELFEQQVERSPDAV
ALVYEGQQLSYRELDRQANRLARQLKALGVGPDERVAVCTERCLEMVVALLAVLKAGGAYVPLDPGYPAERLEYMLADSA
PKVLLRQSGQTLEPGAGVAVLALDGEASQPWQAQPAQRLSRDDSGVQPHHLAYVIYTSGSTGRPKGVMVEHAGVVNRLLW
MQRAYGLQPQEAVLQKTPFGFDVSVWEFFWPLAVGARLVMARPQGQQDPAYLVETIVGQDIGTLHFVPSMLQAFVDSEGV
QRCRGVRRIVCSGEALPGALARRLRQQLPQVELHNLYGPTEATVDVTAWACDAAELPDNIPIGRPVDNTTMYVLDAHGQP
VPTGVAGEIHIGGVQVARGYLGRPELTRERFVPDPYAGRPGARLYKTGDLGRWLLDGTLEYLGRNDHQVKIRG
;
_entity_poly.pdbx_strand_id   A
#
loop_
_chem_comp.id
_chem_comp.type
_chem_comp.name
_chem_comp.formula
EPE non-polymer '4-(2-HYDROXYETHYL)-1-PIPERAZINE ETHANESULFONIC ACID' 'C8 H18 N2 O4 S'
FMT non-polymer 'FORMIC ACID' 'C H2 O2'
GOL non-polymer GLYCEROL 'C3 H8 O3'
MES non-polymer '2-(N-MORPHOLINO)-ETHANESULFONIC ACID' 'C6 H13 N O4 S'
SO4 non-polymer 'SULFATE ION' 'O4 S -2'
#
# COMPACT_ATOMS: atom_id res chain seq x y z
N ALA A 3 -27.95 -3.40 1.85
CA ALA A 3 -28.43 -4.46 0.97
C ALA A 3 -27.42 -4.75 -0.15
N PRO A 4 -26.78 -5.91 -0.07
CA PRO A 4 -25.77 -6.25 -1.08
C PRO A 4 -26.36 -6.99 -2.26
N LEU A 5 -25.69 -6.86 -3.40
CA LEU A 5 -26.03 -7.62 -4.59
C LEU A 5 -25.47 -9.03 -4.50
N SER A 6 -26.14 -9.97 -5.16
CA SER A 6 -25.61 -11.31 -5.27
C SER A 6 -24.36 -11.31 -6.16
N PHE A 7 -23.63 -12.42 -6.14
CA PHE A 7 -22.42 -12.51 -6.94
C PHE A 7 -22.72 -12.37 -8.43
N ALA A 8 -23.82 -12.97 -8.88
CA ALA A 8 -24.19 -12.87 -10.29
C ALA A 8 -24.65 -11.46 -10.66
N GLN A 9 -25.31 -10.75 -9.72
CA GLN A 9 -25.73 -9.39 -9.99
C GLN A 9 -24.54 -8.45 -10.09
N GLN A 10 -23.58 -8.58 -9.17
CA GLN A 10 -22.38 -7.74 -9.22
C GLN A 10 -21.57 -8.02 -10.47
N ARG A 11 -21.46 -9.30 -10.85
CA ARG A 11 -20.73 -9.65 -12.08
C ARG A 11 -21.39 -9.02 -13.30
N LEU A 12 -22.71 -9.17 -13.43
CA LEU A 12 -23.41 -8.63 -14.59
C LEU A 12 -23.36 -7.12 -14.62
N TRP A 13 -23.32 -6.47 -13.44
CA TRP A 13 -23.23 -5.02 -13.41
C TRP A 13 -21.89 -4.54 -13.97
N PHE A 14 -20.79 -5.14 -13.52
CA PHE A 14 -19.49 -4.77 -14.05
C PHE A 14 -19.37 -5.10 -15.54
N ILE A 15 -20.04 -6.16 -15.98
CA ILE A 15 -20.06 -6.48 -17.41
C ILE A 15 -20.94 -5.48 -18.16
N ALA A 16 -22.05 -5.08 -17.55
CA ALA A 16 -22.93 -4.11 -18.20
C ALA A 16 -22.29 -2.73 -18.29
N GLN A 17 -21.44 -2.38 -17.33
CA GLN A 17 -20.73 -1.10 -17.41
C GLN A 17 -19.50 -1.18 -18.31
N MET A 18 -18.99 -2.38 -18.57
CA MET A 18 -17.98 -2.53 -19.62
C MET A 18 -18.60 -2.34 -21.00
N SER A 19 -19.90 -2.63 -21.14
CA SER A 19 -20.61 -2.26 -22.36
C SER A 19 -20.76 -0.75 -22.49
N ARG A 20 -20.86 -0.05 -21.36
CA ARG A 20 -20.84 1.40 -21.38
C ARG A 20 -19.46 1.93 -21.74
N GLU A 21 -18.42 1.15 -21.44
CA GLU A 21 -17.07 1.53 -21.87
C GLU A 21 -16.92 1.46 -23.39
N ALA A 22 -17.63 0.52 -24.03
CA ALA A 22 -17.57 0.34 -25.47
C ALA A 22 -18.50 1.27 -26.24
N SER A 23 -18.86 2.42 -25.65
CA SER A 23 -19.74 3.38 -26.30
C SER A 23 -19.02 4.66 -26.69
N GLY A 24 -18.22 5.24 -25.79
CA GLY A 24 -17.56 6.49 -26.07
C GLY A 24 -16.05 6.39 -26.16
N ALA A 25 -15.49 5.27 -25.69
CA ALA A 25 -14.04 5.08 -25.77
C ALA A 25 -13.57 4.85 -27.20
N TYR A 26 -14.47 4.56 -28.13
CA TYR A 26 -14.13 4.34 -29.53
C TYR A 26 -14.52 5.53 -30.40
N HIS A 27 -14.64 6.72 -29.82
CA HIS A 27 -14.97 7.93 -30.54
C HIS A 27 -13.83 8.94 -30.42
N VAL A 28 -13.68 9.77 -31.44
CA VAL A 28 -12.66 10.82 -31.44
C VAL A 28 -13.35 12.18 -31.47
N PRO A 29 -13.63 12.77 -30.32
CA PRO A 29 -14.34 14.06 -30.31
C PRO A 29 -13.37 15.23 -30.52
N GLY A 30 -13.98 16.39 -30.76
CA GLY A 30 -13.21 17.61 -30.95
C GLY A 30 -14.16 18.77 -31.14
N GLY A 31 -13.57 19.96 -31.28
CA GLY A 31 -14.38 21.15 -31.44
C GLY A 31 -13.53 22.38 -31.67
N LEU A 32 -14.18 23.41 -32.19
CA LEU A 32 -13.56 24.71 -32.41
C LEU A 32 -14.57 25.80 -32.06
N ARG A 33 -14.06 26.94 -31.60
CA ARG A 33 -14.89 28.07 -31.21
C ARG A 33 -14.82 29.13 -32.30
N LEU A 34 -15.97 29.46 -32.89
CA LEU A 34 -16.06 30.47 -33.93
C LEU A 34 -16.51 31.79 -33.31
N ARG A 35 -15.68 32.83 -33.48
CA ARG A 35 -15.95 34.15 -32.92
C ARG A 35 -15.73 35.20 -34.02
N GLY A 36 -16.62 35.20 -34.99
CA GLY A 36 -16.52 36.15 -36.09
C GLY A 36 -17.84 36.27 -36.82
N GLU A 37 -17.77 36.61 -38.11
CA GLU A 37 -18.97 36.75 -38.91
C GLU A 37 -19.62 35.40 -39.14
N LEU A 38 -20.95 35.41 -39.23
CA LEU A 38 -21.73 34.19 -39.43
C LEU A 38 -21.85 33.92 -40.93
N ASP A 39 -21.02 32.99 -41.43
CA ASP A 39 -21.02 32.59 -42.84
C ASP A 39 -21.17 31.07 -42.91
N GLU A 40 -22.35 30.58 -42.50
CA GLU A 40 -22.61 29.15 -42.51
C GLU A 40 -22.73 28.59 -43.93
N VAL A 41 -22.94 29.45 -44.93
CA VAL A 41 -23.02 28.97 -46.31
C VAL A 41 -21.65 28.46 -46.77
N ALA A 42 -20.58 29.08 -46.30
CA ALA A 42 -19.24 28.63 -46.65
C ALA A 42 -18.79 27.46 -45.79
N LEU A 43 -19.34 27.34 -44.57
CA LEU A 43 -18.95 26.24 -43.68
C LEU A 43 -19.53 24.91 -44.16
N ARG A 44 -20.79 24.92 -44.62
CA ARG A 44 -21.39 23.68 -45.10
C ARG A 44 -20.68 23.19 -46.37
N ALA A 45 -20.23 24.12 -47.21
CA ALA A 45 -19.45 23.71 -48.37
C ALA A 45 -18.07 23.19 -47.98
N ALA A 46 -17.52 23.68 -46.88
CA ALA A 46 -16.22 23.21 -46.42
C ALA A 46 -16.32 21.82 -45.82
N LEU A 47 -17.39 21.56 -45.05
CA LEU A 47 -17.56 20.23 -44.45
C LEU A 47 -17.82 19.18 -45.52
N ASP A 48 -18.67 19.49 -46.49
CA ASP A 48 -18.94 18.54 -47.56
C ASP A 48 -17.76 18.38 -48.51
N ARG A 49 -16.88 19.38 -48.59
CA ARG A 49 -15.69 19.25 -49.43
C ARG A 49 -14.70 18.25 -48.82
N ILE A 50 -14.46 18.35 -47.51
CA ILE A 50 -13.64 17.34 -46.83
C ILE A 50 -14.36 16.01 -46.77
N MET A 51 -15.69 16.00 -46.93
CA MET A 51 -16.44 14.75 -46.92
C MET A 51 -16.11 13.92 -48.16
N ALA A 52 -16.31 14.51 -49.35
CA ALA A 52 -16.07 13.80 -50.58
C ALA A 52 -14.58 13.60 -50.88
N ARG A 53 -13.71 14.45 -50.33
CA ARG A 53 -12.28 14.32 -50.60
C ARG A 53 -11.68 13.14 -49.84
N HIS A 54 -11.74 13.18 -48.52
CA HIS A 54 -11.27 12.08 -47.70
C HIS A 54 -12.21 10.89 -47.88
N GLU A 55 -11.75 9.85 -48.57
CA GLU A 55 -12.61 8.74 -48.93
C GLU A 55 -13.06 7.93 -47.72
N VAL A 56 -12.24 7.90 -46.66
CA VAL A 56 -12.59 7.11 -45.49
C VAL A 56 -13.78 7.71 -44.74
N LEU A 57 -14.03 9.01 -44.88
CA LEU A 57 -15.15 9.65 -44.20
C LEU A 57 -16.50 9.25 -44.79
N ARG A 58 -16.53 8.84 -46.06
CA ARG A 58 -17.77 8.39 -46.71
C ARG A 58 -17.77 6.88 -46.89
N THR A 59 -17.29 6.15 -45.90
CA THR A 59 -17.16 4.70 -45.98
C THR A 59 -18.04 4.05 -44.91
N ARG A 60 -18.78 3.02 -45.31
CA ARG A 60 -19.57 2.21 -44.40
C ARG A 60 -18.97 0.82 -44.30
N PHE A 61 -19.53 0.01 -43.40
CA PHE A 61 -19.02 -1.33 -43.14
C PHE A 61 -20.19 -2.29 -42.96
N GLU A 62 -20.11 -3.46 -43.59
CA GLU A 62 -21.18 -4.45 -43.59
C GLU A 62 -20.61 -5.83 -43.29
N TRP A 63 -21.52 -6.79 -43.13
CA TRP A 63 -21.19 -8.21 -43.09
C TRP A 63 -21.51 -8.81 -44.44
N HIS A 64 -20.50 -9.34 -45.12
CA HIS A 64 -20.67 -9.97 -46.43
C HIS A 64 -19.89 -11.28 -46.44
N GLU A 65 -20.61 -12.39 -46.20
CA GLU A 65 -20.06 -13.74 -46.27
C GLU A 65 -18.94 -13.94 -45.23
N GLY A 66 -19.34 -13.85 -43.97
CA GLY A 66 -18.48 -14.25 -42.88
C GLY A 66 -17.29 -13.36 -42.59
N GLU A 67 -17.28 -12.13 -43.11
CA GLU A 67 -16.19 -11.22 -42.83
C GLU A 67 -16.67 -9.80 -43.05
N PRO A 68 -16.12 -8.81 -42.34
CA PRO A 68 -16.52 -7.43 -42.57
C PRO A 68 -15.89 -6.86 -43.84
N VAL A 69 -16.70 -6.09 -44.57
CA VAL A 69 -16.26 -5.44 -45.79
C VAL A 69 -16.59 -3.96 -45.70
N GLN A 70 -15.86 -3.15 -46.47
CA GLN A 70 -16.07 -1.71 -46.52
C GLN A 70 -16.80 -1.33 -47.80
N CYS A 71 -17.71 -0.37 -47.68
CA CYS A 71 -18.52 0.11 -48.80
C CYS A 71 -18.29 1.61 -48.93
N ILE A 72 -17.70 2.02 -50.05
CA ILE A 72 -17.39 3.43 -50.30
C ILE A 72 -18.57 4.06 -51.02
N ASP A 73 -19.24 4.99 -50.36
CA ASP A 73 -20.39 5.68 -50.93
C ASP A 73 -19.94 6.96 -51.63
N ALA A 74 -20.78 7.41 -52.57
CA ALA A 74 -20.53 8.62 -53.33
C ALA A 74 -21.55 9.69 -52.94
N GLU A 75 -21.12 10.95 -53.02
CA GLU A 75 -21.95 12.12 -52.69
C GLU A 75 -22.47 12.01 -51.24
N ALA A 76 -21.55 12.24 -50.32
CA ALA A 76 -21.84 12.16 -48.90
C ALA A 76 -22.10 13.56 -48.35
N ARG A 77 -23.23 13.72 -47.66
CA ARG A 77 -23.62 14.99 -47.06
C ARG A 77 -23.20 15.02 -45.60
N PHE A 78 -22.59 16.12 -45.18
CA PHE A 78 -22.15 16.25 -43.79
C PHE A 78 -23.34 16.55 -42.90
N PRO A 79 -23.56 15.78 -41.85
CA PRO A 79 -24.66 16.07 -40.93
C PRO A 79 -24.25 17.02 -39.80
N LEU A 80 -25.04 18.05 -39.58
CA LEU A 80 -24.79 18.99 -38.48
C LEU A 80 -26.13 19.35 -37.84
N VAL A 81 -26.19 19.23 -36.52
CA VAL A 81 -27.40 19.53 -35.77
C VAL A 81 -27.35 20.98 -35.30
N ARG A 82 -28.51 21.64 -35.32
CA ARG A 82 -28.64 23.02 -34.90
C ARG A 82 -29.58 23.06 -33.68
N GLN A 83 -29.02 23.44 -32.53
CA GLN A 83 -29.80 23.51 -31.29
C GLN A 83 -29.94 24.96 -30.82
N GLU A 88 -24.26 28.50 -20.09
CA GLU A 88 -22.95 28.67 -20.71
C GLU A 88 -22.03 27.49 -20.36
N ALA A 89 -21.68 27.38 -19.08
CA ALA A 89 -20.77 26.33 -18.65
C ALA A 89 -21.48 24.98 -18.52
N ALA A 90 -22.67 24.96 -17.94
CA ALA A 90 -23.38 23.71 -17.73
C ALA A 90 -23.88 23.12 -19.03
N GLU A 91 -24.37 23.96 -19.95
CA GLU A 91 -24.89 23.47 -21.22
C GLU A 91 -23.77 23.00 -22.15
N LEU A 92 -22.67 23.76 -22.22
CA LEU A 92 -21.57 23.37 -23.10
C LEU A 92 -20.92 22.08 -22.64
N ALA A 93 -20.82 21.87 -21.32
CA ALA A 93 -20.23 20.64 -20.82
C ALA A 93 -21.14 19.44 -21.07
N HIS A 94 -22.44 19.60 -20.84
CA HIS A 94 -23.38 18.52 -21.07
C HIS A 94 -23.50 18.20 -22.56
N TRP A 95 -23.65 19.23 -23.39
CA TRP A 95 -23.75 19.03 -24.84
C TRP A 95 -22.50 18.42 -25.43
N GLN A 96 -21.37 18.51 -24.73
CA GLN A 96 -20.08 18.06 -25.28
CA GLN A 96 -20.09 18.06 -25.29
C GLN A 96 -19.93 16.55 -25.14
N GLN A 97 -19.88 16.05 -23.90
CA GLN A 97 -19.62 14.64 -23.68
C GLN A 97 -20.78 13.76 -24.16
N VAL A 98 -22.01 14.25 -24.09
CA VAL A 98 -23.12 13.48 -24.65
C VAL A 98 -22.98 13.40 -26.17
N GLU A 99 -22.43 14.44 -26.80
CA GLU A 99 -22.05 14.34 -28.20
C GLU A 99 -20.87 13.39 -28.38
N ALA A 100 -19.93 13.42 -27.43
CA ALA A 100 -18.78 12.51 -27.50
C ALA A 100 -19.21 11.07 -27.22
N ARG A 101 -20.23 10.86 -26.41
CA ARG A 101 -20.77 9.54 -26.13
C ARG A 101 -21.93 9.17 -27.04
N SER A 102 -22.13 9.90 -28.13
CA SER A 102 -23.21 9.60 -29.05
C SER A 102 -22.85 8.38 -29.89
N PRO A 103 -23.64 7.31 -29.85
CA PRO A 103 -23.29 6.12 -30.63
C PRO A 103 -23.53 6.32 -32.12
N PHE A 104 -22.65 5.76 -32.93
CA PHE A 104 -22.75 5.80 -34.37
C PHE A 104 -23.17 4.45 -34.92
N ASP A 105 -23.72 4.47 -36.14
CA ASP A 105 -24.12 3.26 -36.84
C ASP A 105 -23.09 2.98 -37.93
N LEU A 106 -22.39 1.85 -37.81
CA LEU A 106 -21.34 1.51 -38.75
C LEU A 106 -21.88 0.99 -40.08
N GLY A 107 -23.10 0.46 -40.09
CA GLY A 107 -23.69 -0.05 -41.32
C GLY A 107 -24.25 1.04 -42.20
N THR A 108 -24.95 2.00 -41.59
CA THR A 108 -25.58 3.08 -42.34
C THR A 108 -24.73 4.33 -42.41
N GLY A 109 -23.94 4.61 -41.38
CA GLY A 109 -23.28 5.88 -41.25
C GLY A 109 -24.27 6.95 -40.82
N PRO A 110 -23.82 8.21 -40.75
CA PRO A 110 -22.46 8.66 -41.02
C PRO A 110 -21.52 8.39 -39.84
N LEU A 111 -20.22 8.32 -40.12
CA LEU A 111 -19.22 8.10 -39.09
C LEU A 111 -18.49 9.39 -38.71
N ILE A 112 -19.01 10.54 -39.12
CA ILE A 112 -18.48 11.83 -38.73
C ILE A 112 -19.62 12.83 -38.65
N ARG A 113 -19.84 13.40 -37.48
CA ARG A 113 -20.97 14.29 -37.23
C ARG A 113 -20.47 15.60 -36.64
N GLY A 114 -21.39 16.55 -36.48
CA GLY A 114 -21.06 17.85 -35.92
C GLY A 114 -22.22 18.43 -35.14
N ARG A 115 -21.92 19.44 -34.35
CA ARG A 115 -22.91 20.13 -33.54
C ARG A 115 -22.61 21.63 -33.55
N LEU A 116 -23.66 22.43 -33.69
CA LEU A 116 -23.49 23.88 -33.81
C LEU A 116 -24.77 24.56 -33.34
N LEU A 117 -24.60 25.71 -32.69
CA LEU A 117 -25.73 26.53 -32.27
C LEU A 117 -25.23 27.93 -31.96
N LYS A 118 -26.15 28.89 -31.98
CA LYS A 118 -25.81 30.30 -31.80
C LYS A 118 -25.28 30.58 -30.39
N GLN A 122 -20.68 37.78 -32.74
CA GLN A 122 -21.32 36.49 -32.94
C GLN A 122 -20.37 35.34 -32.59
N GLU A 123 -20.81 34.46 -31.69
CA GLU A 123 -20.01 33.34 -31.23
C GLU A 123 -20.82 32.06 -31.35
N HIS A 124 -20.19 31.02 -31.89
CA HIS A 124 -20.82 29.70 -32.04
C HIS A 124 -19.86 28.63 -31.52
N VAL A 125 -20.38 27.41 -31.38
CA VAL A 125 -19.62 26.27 -30.92
C VAL A 125 -19.64 25.23 -32.03
N LEU A 126 -18.48 24.99 -32.65
CA LEU A 126 -18.37 24.06 -33.77
C LEU A 126 -17.81 22.73 -33.25
N LEU A 127 -18.71 21.91 -32.73
CA LEU A 127 -18.32 20.58 -32.26
C LEU A 127 -18.25 19.60 -33.44
N LEU A 128 -17.38 18.61 -33.31
CA LEU A 128 -17.22 17.59 -34.34
C LEU A 128 -16.80 16.28 -33.67
N THR A 129 -17.25 15.17 -34.25
CA THR A 129 -16.97 13.86 -33.69
C THR A 129 -16.84 12.86 -34.83
N MET A 130 -15.81 12.01 -34.74
CA MET A 130 -15.58 10.94 -35.71
C MET A 130 -15.47 9.62 -34.99
N HIS A 131 -15.75 8.54 -35.71
CA HIS A 131 -15.58 7.19 -35.18
C HIS A 131 -14.14 6.75 -35.37
N HIS A 132 -13.63 5.98 -34.41
CA HIS A 132 -12.23 5.59 -34.41
C HIS A 132 -11.89 4.66 -35.58
N ILE A 133 -12.88 4.03 -36.19
CA ILE A 133 -12.62 3.14 -37.31
C ILE A 133 -12.24 3.92 -38.58
N VAL A 134 -12.51 5.21 -38.61
CA VAL A 134 -12.18 6.07 -39.75
C VAL A 134 -11.32 7.25 -39.35
N SER A 135 -10.81 7.28 -38.13
CA SER A 135 -10.08 8.44 -37.64
C SER A 135 -9.17 8.01 -36.49
N ASP A 136 -8.48 9.00 -35.92
CA ASP A 136 -7.66 8.83 -34.73
C ASP A 136 -7.33 10.19 -34.15
N GLY A 137 -6.27 10.27 -33.34
CA GLY A 137 -5.87 11.56 -32.79
C GLY A 137 -5.35 12.51 -33.85
N TRP A 138 -4.48 12.01 -34.72
CA TRP A 138 -3.93 12.84 -35.79
C TRP A 138 -5.01 13.28 -36.77
N SER A 139 -6.05 12.46 -36.96
CA SER A 139 -7.08 12.77 -37.95
C SER A 139 -7.85 14.02 -37.59
N MET A 140 -8.06 14.28 -36.29
CA MET A 140 -8.76 15.50 -35.91
C MET A 140 -7.92 16.75 -36.20
N SER A 141 -6.59 16.63 -36.11
CA SER A 141 -5.74 17.76 -36.46
C SER A 141 -5.78 18.04 -37.95
N VAL A 142 -5.85 17.00 -38.77
CA VAL A 142 -5.99 17.20 -40.22
C VAL A 142 -7.38 17.72 -40.54
N LEU A 143 -8.40 17.23 -39.82
CA LEU A 143 -9.76 17.74 -40.02
C LEU A 143 -9.84 19.22 -39.68
N ALA A 144 -9.21 19.64 -38.58
CA ALA A 144 -9.20 21.05 -38.24
C ALA A 144 -8.30 21.85 -39.18
N HIS A 145 -7.24 21.22 -39.70
CA HIS A 145 -6.39 21.90 -40.68
C HIS A 145 -7.16 22.24 -41.94
N GLU A 146 -7.85 21.25 -42.52
CA GLU A 146 -8.55 21.47 -43.78
C GLU A 146 -9.79 22.33 -43.58
N LEU A 147 -10.42 22.27 -42.41
CA LEU A 147 -11.60 23.10 -42.17
C LEU A 147 -11.22 24.58 -42.16
N GLY A 148 -10.11 24.93 -41.52
CA GLY A 148 -9.68 26.32 -41.49
C GLY A 148 -9.27 26.83 -42.87
N THR A 149 -8.66 25.97 -43.68
CA THR A 149 -8.24 26.37 -45.01
C THR A 149 -9.42 26.43 -45.97
N LEU A 150 -10.37 25.50 -45.84
CA LEU A 150 -11.52 25.48 -46.74
C LEU A 150 -12.49 26.62 -46.44
N TYR A 151 -12.73 26.89 -45.15
CA TYR A 151 -13.58 28.02 -44.79
C TYR A 151 -12.94 29.34 -45.22
N ARG A 152 -11.61 29.41 -45.20
CA ARG A 152 -10.93 30.62 -45.65
C ARG A 152 -11.08 30.81 -47.15
N ALA A 153 -10.77 29.77 -47.93
CA ALA A 153 -10.89 29.88 -49.38
C ALA A 153 -12.32 30.14 -49.82
N TYR A 154 -13.30 29.58 -49.10
CA TYR A 154 -14.69 29.83 -49.43
C TYR A 154 -15.14 31.22 -48.96
N ALA A 155 -14.51 31.77 -47.93
CA ALA A 155 -14.84 33.11 -47.48
C ALA A 155 -14.22 34.18 -48.38
N GLN A 156 -13.08 33.88 -49.01
CA GLN A 156 -12.46 34.79 -49.97
C GLN A 156 -13.40 35.03 -51.14
N GLU A 157 -13.49 34.06 -52.04
CA GLU A 157 -14.39 34.11 -53.18
C GLU A 157 -14.98 32.73 -53.40
N GLY A 158 -16.01 32.68 -54.24
CA GLY A 158 -16.71 31.43 -54.47
C GLY A 158 -15.84 30.43 -55.22
N THR A 159 -15.79 29.21 -54.71
CA THR A 159 -15.05 28.12 -55.34
C THR A 159 -15.92 26.86 -55.30
N ALA A 160 -15.52 25.86 -56.08
CA ALA A 160 -16.24 24.58 -56.04
C ALA A 160 -15.30 23.48 -55.59
N PRO A 161 -14.08 23.36 -56.13
CA PRO A 161 -13.10 22.45 -55.53
C PRO A 161 -11.95 23.20 -54.90
N GLU A 162 -12.11 23.64 -53.66
CA GLU A 162 -11.06 24.43 -53.01
C GLU A 162 -9.86 23.57 -52.62
N VAL A 163 -10.05 22.26 -52.42
CA VAL A 163 -8.97 21.38 -51.99
C VAL A 163 -8.84 20.14 -52.86
N ASP A 164 -9.67 19.99 -53.89
CA ASP A 164 -9.64 18.78 -54.71
C ASP A 164 -8.50 18.81 -55.72
N PRO A 165 -8.25 19.92 -56.46
CA PRO A 165 -7.14 19.92 -57.41
C PRO A 165 -5.88 20.62 -56.91
N LEU A 166 -6.00 21.49 -55.91
CA LEU A 166 -4.81 22.24 -55.51
C LEU A 166 -3.98 21.45 -54.51
N PRO A 167 -4.54 20.93 -53.39
CA PRO A 167 -3.81 19.91 -52.63
C PRO A 167 -4.61 18.61 -52.53
N ALA A 168 -4.56 17.80 -53.58
CA ALA A 168 -5.30 16.54 -53.58
C ALA A 168 -4.69 15.55 -52.60
N LEU A 169 -5.38 14.42 -52.43
CA LEU A 169 -4.90 13.36 -51.55
C LEU A 169 -3.95 12.46 -52.32
N PRO A 170 -2.69 12.33 -51.91
CA PRO A 170 -1.76 11.46 -52.64
C PRO A 170 -2.03 9.98 -52.44
N LEU A 171 -2.83 9.62 -51.44
CA LEU A 171 -3.09 8.23 -51.12
C LEU A 171 -4.34 8.16 -50.26
N GLN A 172 -5.24 7.24 -50.57
CA GLN A 172 -6.45 7.05 -49.78
C GLN A 172 -6.25 5.93 -48.76
N TYR A 173 -7.13 5.91 -47.76
CA TYR A 173 -6.96 4.96 -46.66
C TYR A 173 -7.10 3.51 -47.13
N ALA A 174 -7.94 3.27 -48.14
CA ALA A 174 -8.05 1.91 -48.68
C ALA A 174 -6.75 1.47 -49.33
N ASP A 175 -5.99 2.40 -49.90
CA ASP A 175 -4.69 2.07 -50.46
C ASP A 175 -3.70 1.67 -49.36
N TYR A 176 -3.79 2.34 -48.21
CA TYR A 176 -2.94 1.99 -47.09
C TYR A 176 -3.28 0.61 -46.55
N ALA A 177 -4.58 0.29 -46.47
CA ALA A 177 -4.99 -1.02 -45.95
C ALA A 177 -4.55 -2.13 -46.90
N LEU A 178 -4.57 -1.87 -48.21
CA LEU A 178 -4.11 -2.87 -49.17
C LEU A 178 -2.60 -3.10 -49.03
N TRP A 179 -1.85 -2.04 -48.78
CA TRP A 179 -0.41 -2.19 -48.54
C TRP A 179 -0.14 -2.94 -47.25
N GLN A 180 -0.91 -2.63 -46.18
CA GLN A 180 -0.70 -3.30 -44.90
C GLN A 180 -1.07 -4.77 -44.98
N ARG A 181 -2.13 -5.10 -45.71
CA ARG A 181 -2.53 -6.50 -45.85
C ARG A 181 -1.42 -7.32 -46.48
N ARG A 182 -0.68 -6.75 -47.43
CA ARG A 182 0.46 -7.45 -48.02
C ARG A 182 1.68 -7.40 -47.11
N TRP A 183 1.85 -6.31 -46.34
CA TRP A 183 2.99 -6.20 -45.46
C TRP A 183 2.90 -7.18 -44.30
N LEU A 184 1.70 -7.38 -43.76
CA LEU A 184 1.52 -8.30 -42.64
C LEU A 184 1.79 -9.74 -43.05
N ASP A 185 1.73 -10.06 -44.34
CA ASP A 185 1.94 -11.42 -44.82
C ASP A 185 3.38 -11.72 -45.16
N GLY A 186 4.24 -10.70 -45.24
CA GLY A 186 5.62 -10.88 -45.64
C GLY A 186 6.54 -11.17 -44.46
N GLU A 187 7.84 -11.04 -44.72
CA GLU A 187 8.86 -11.32 -43.71
C GLU A 187 9.19 -10.11 -42.85
N ARG A 188 8.99 -8.89 -43.38
CA ARG A 188 9.23 -7.69 -42.58
C ARG A 188 8.36 -7.67 -41.34
N GLN A 189 7.13 -8.16 -41.45
CA GLN A 189 6.28 -8.31 -40.28
C GLN A 189 6.83 -9.38 -39.33
N GLN A 190 7.44 -10.43 -39.88
CA GLN A 190 7.96 -11.50 -39.03
C GLN A 190 9.22 -11.07 -38.28
N ARG A 191 10.05 -10.22 -38.90
CA ARG A 191 11.25 -9.74 -38.21
C ARG A 191 10.88 -8.75 -37.10
N GLN A 192 9.88 -7.90 -37.34
CA GLN A 192 9.45 -6.98 -36.29
C GLN A 192 8.78 -7.73 -35.14
N LEU A 193 8.09 -8.84 -35.44
CA LEU A 193 7.54 -9.67 -34.38
C LEU A 193 8.64 -10.39 -33.61
N ALA A 194 9.72 -10.76 -34.29
CA ALA A 194 10.83 -11.43 -33.62
C ALA A 194 11.53 -10.48 -32.65
N TYR A 195 11.68 -9.21 -33.03
CA TYR A 195 12.30 -8.24 -32.14
C TYR A 195 11.46 -8.03 -30.88
N TRP A 196 10.15 -7.78 -31.07
CA TRP A 196 9.28 -7.58 -29.92
C TRP A 196 9.14 -8.83 -29.08
N GLN A 197 9.28 -10.00 -29.70
CA GLN A 197 9.26 -11.25 -28.93
C GLN A 197 10.46 -11.32 -27.98
N GLN A 198 11.65 -10.93 -28.47
CA GLN A 198 12.84 -10.97 -27.63
C GLN A 198 12.94 -9.75 -26.72
N GLN A 199 12.46 -8.60 -27.17
CA GLN A 199 12.59 -7.38 -26.37
C GLN A 199 11.77 -7.45 -25.09
N LEU A 200 10.59 -8.07 -25.14
CA LEU A 200 9.67 -8.09 -24.02
C LEU A 200 9.55 -9.47 -23.39
N ALA A 201 10.40 -10.42 -23.77
CA ALA A 201 10.36 -11.76 -23.18
C ALA A 201 10.84 -11.70 -21.73
N GLY A 202 9.98 -12.13 -20.81
CA GLY A 202 10.32 -12.12 -19.40
C GLY A 202 9.97 -10.85 -18.66
N ALA A 203 9.34 -9.88 -19.33
CA ALA A 203 8.95 -8.65 -18.67
C ALA A 203 7.84 -8.93 -17.65
N PRO A 204 7.74 -8.12 -16.60
CA PRO A 204 6.68 -8.34 -15.60
C PRO A 204 5.30 -8.17 -16.21
N ALA A 205 4.40 -9.11 -15.91
CA ALA A 205 3.07 -9.08 -16.48
C ALA A 205 2.20 -7.99 -15.86
N LEU A 206 2.46 -7.64 -14.60
CA LEU A 206 1.66 -6.66 -13.89
C LEU A 206 2.56 -5.81 -13.01
N VAL A 207 2.47 -4.49 -13.15
CA VAL A 207 3.24 -3.59 -12.31
C VAL A 207 2.68 -3.64 -10.89
N SER A 208 3.57 -3.75 -9.91
CA SER A 208 3.18 -3.85 -8.50
CA SER A 208 3.16 -3.85 -8.50
C SER A 208 3.04 -2.49 -7.84
N LEU A 209 2.43 -1.52 -8.51
CA LEU A 209 2.22 -0.22 -7.90
C LEU A 209 1.30 -0.36 -6.68
N PRO A 210 1.64 0.27 -5.56
CA PRO A 210 0.74 0.19 -4.39
C PRO A 210 -0.60 0.84 -4.70
N THR A 211 -1.67 0.12 -4.41
CA THR A 211 -3.03 0.60 -4.64
C THR A 211 -3.74 0.82 -3.31
N ASP A 212 -4.61 1.82 -3.27
CA ASP A 212 -5.38 2.11 -2.06
C ASP A 212 -6.48 1.08 -1.83
N ARG A 213 -6.89 0.36 -2.87
CA ARG A 213 -7.86 -0.71 -2.77
C ARG A 213 -7.38 -1.89 -3.60
N PRO A 214 -7.70 -3.11 -3.18
CA PRO A 214 -7.28 -4.29 -3.95
C PRO A 214 -7.85 -4.26 -5.36
N ARG A 215 -7.07 -4.80 -6.29
CA ARG A 215 -7.47 -4.79 -7.70
C ARG A 215 -8.70 -5.68 -7.89
N PRO A 216 -9.75 -5.17 -8.53
CA PRO A 216 -10.95 -5.99 -8.73
C PRO A 216 -10.68 -7.17 -9.65
N ALA A 217 -11.59 -8.14 -9.61
CA ALA A 217 -11.48 -9.31 -10.47
C ALA A 217 -11.61 -8.92 -11.95
N LEU A 218 -12.59 -8.09 -12.26
CA LEU A 218 -12.75 -7.55 -13.61
C LEU A 218 -12.34 -6.08 -13.61
N GLN A 219 -11.63 -5.67 -14.67
CA GLN A 219 -11.04 -4.34 -14.71
C GLN A 219 -12.12 -3.27 -14.71
N ASP A 220 -12.11 -2.43 -13.67
CA ASP A 220 -13.01 -1.29 -13.59
C ASP A 220 -12.46 -0.15 -14.44
N TYR A 221 -13.28 0.37 -15.35
CA TYR A 221 -12.87 1.42 -16.26
C TYR A 221 -13.28 2.82 -15.78
N ARG A 222 -13.80 2.94 -14.57
CA ARG A 222 -14.08 4.26 -14.03
C ARG A 222 -12.78 5.02 -13.81
N GLY A 223 -12.73 6.27 -14.27
CA GLY A 223 -11.51 7.04 -14.23
C GLY A 223 -11.75 8.47 -13.81
N ASP A 224 -10.68 9.08 -13.32
CA ASP A 224 -10.62 10.50 -13.04
C ASP A 224 -9.21 10.98 -13.36
N SER A 225 -9.01 12.29 -13.36
CA SER A 225 -7.73 12.83 -13.77
C SER A 225 -7.38 14.06 -12.96
N ILE A 226 -6.08 14.34 -12.89
CA ILE A 226 -5.56 15.57 -12.29
C ILE A 226 -4.70 16.28 -13.34
N GLU A 227 -4.52 17.57 -13.13
CA GLU A 227 -3.66 18.38 -13.98
C GLU A 227 -2.28 18.51 -13.34
N LEU A 228 -1.24 18.52 -14.17
CA LEU A 228 0.12 18.74 -13.69
C LEU A 228 0.85 19.62 -14.68
N THR A 229 1.85 20.35 -14.18
CA THR A 229 2.57 21.33 -14.98
C THR A 229 4.04 21.34 -14.59
N PHE A 230 4.90 21.38 -15.61
CA PHE A 230 6.33 21.63 -15.41
C PHE A 230 6.57 23.10 -15.75
N ASP A 231 6.95 23.88 -14.74
CA ASP A 231 7.11 25.32 -14.95
C ASP A 231 8.27 25.60 -15.91
N ALA A 232 8.39 26.87 -16.29
CA ALA A 232 9.40 27.26 -17.27
C ALA A 232 10.81 26.92 -16.81
N GLY A 233 11.06 26.96 -15.50
CA GLY A 233 12.38 26.61 -15.00
C GLY A 233 12.70 25.13 -15.19
N LEU A 234 11.79 24.26 -14.72
CA LEU A 234 12.02 22.83 -14.85
C LEU A 234 12.01 22.40 -16.31
N SER A 235 11.11 22.98 -17.11
CA SER A 235 11.07 22.63 -18.53
C SER A 235 12.35 23.04 -19.24
N GLN A 236 12.86 24.23 -18.95
CA GLN A 236 14.12 24.67 -19.56
C GLN A 236 15.27 23.76 -19.15
N GLY A 237 15.34 23.39 -17.87
CA GLY A 237 16.39 22.49 -17.43
C GLY A 237 16.27 21.11 -18.04
N LEU A 238 15.04 20.64 -18.23
CA LEU A 238 14.83 19.33 -18.86
C LEU A 238 15.23 19.36 -20.32
N ARG A 239 14.96 20.47 -21.02
CA ARG A 239 15.39 20.58 -22.42
CA ARG A 239 15.39 20.58 -22.42
C ARG A 239 16.90 20.54 -22.53
N ALA A 240 17.60 21.32 -21.69
CA ALA A 240 19.06 21.32 -21.71
C ALA A 240 19.62 19.97 -21.27
N LEU A 241 18.95 19.30 -20.32
CA LEU A 241 19.38 17.98 -19.91
C LEU A 241 19.27 16.97 -21.04
N SER A 242 18.17 17.01 -21.79
CA SER A 242 17.97 16.05 -22.87
C SER A 242 18.86 16.36 -24.07
N GLN A 243 19.17 17.63 -24.32
CA GLN A 243 20.11 17.97 -25.38
C GLN A 243 21.51 17.47 -25.05
N ARG A 244 21.92 17.61 -23.78
CA ARG A 244 23.23 17.14 -23.35
C ARG A 244 23.37 15.63 -23.50
N HIS A 245 22.27 14.89 -23.32
CA HIS A 245 22.29 13.43 -23.41
C HIS A 245 21.72 12.92 -24.73
N GLY A 246 21.47 13.80 -25.69
CA GLY A 246 20.96 13.39 -27.00
C GLY A 246 19.59 12.76 -27.00
N THR A 247 18.84 12.88 -25.90
CA THR A 247 17.49 12.32 -25.81
C THR A 247 16.46 13.39 -26.15
N THR A 248 15.25 12.95 -26.48
CA THR A 248 14.14 13.87 -26.64
C THR A 248 13.52 14.18 -25.28
N LEU A 249 12.73 15.25 -25.23
CA LEU A 249 12.05 15.60 -23.99
C LEU A 249 11.09 14.49 -23.56
N TYR A 250 10.57 13.73 -24.52
CA TYR A 250 9.73 12.58 -24.19
C TYR A 250 10.56 11.46 -23.57
N MET A 251 11.77 11.22 -24.07
CA MET A 251 12.61 10.17 -23.52
C MET A 251 12.99 10.47 -22.07
N THR A 252 13.26 11.74 -21.77
CA THR A 252 13.66 12.10 -20.40
C THR A 252 12.52 11.90 -19.42
N VAL A 253 11.29 12.24 -19.82
CA VAL A 253 10.14 12.01 -18.95
C VAL A 253 9.88 10.52 -18.79
N LEU A 254 10.03 9.75 -19.88
CA LEU A 254 9.85 8.31 -19.80
C LEU A 254 10.88 7.68 -18.86
N ALA A 255 12.13 8.14 -18.94
CA ALA A 255 13.16 7.62 -18.04
C ALA A 255 12.83 7.94 -16.59
N ALA A 256 12.30 9.14 -16.33
CA ALA A 256 11.98 9.52 -14.96
C ALA A 256 10.78 8.74 -14.44
N TRP A 257 9.72 8.64 -15.23
CA TRP A 257 8.52 7.94 -14.78
C TRP A 257 8.82 6.45 -14.53
N ALA A 258 9.60 5.84 -15.42
CA ALA A 258 9.98 4.44 -15.21
C ALA A 258 10.83 4.29 -13.95
N ALA A 259 11.71 5.25 -13.68
CA ALA A 259 12.49 5.21 -12.46
C ALA A 259 11.60 5.37 -11.23
N LEU A 260 10.58 6.23 -11.32
CA LEU A 260 9.68 6.43 -10.20
C LEU A 260 8.83 5.19 -9.94
N VAL A 261 8.27 4.60 -11.00
CA VAL A 261 7.37 3.47 -10.84
C VAL A 261 8.12 2.26 -10.28
N ALA A 262 9.32 1.99 -10.79
CA ALA A 262 10.11 0.88 -10.26
C ALA A 262 10.42 1.07 -8.79
N ARG A 263 10.64 2.32 -8.37
CA ARG A 263 10.90 2.60 -6.96
C ARG A 263 9.64 2.43 -6.12
N LEU A 264 8.50 2.91 -6.63
CA LEU A 264 7.25 2.78 -5.89
C LEU A 264 6.78 1.33 -5.84
N ALA A 265 6.91 0.61 -6.96
CA ALA A 265 6.44 -0.76 -7.04
C ALA A 265 7.39 -1.76 -6.41
N GLY A 266 8.66 -1.40 -6.24
CA GLY A 266 9.63 -2.36 -5.74
C GLY A 266 10.00 -3.43 -6.74
N GLN A 267 9.96 -3.13 -8.03
CA GLN A 267 10.28 -4.06 -9.09
C GLN A 267 11.50 -3.60 -9.87
N PRO A 268 12.31 -4.53 -10.38
CA PRO A 268 13.55 -4.12 -11.07
C PRO A 268 13.31 -3.43 -12.41
N GLU A 269 12.26 -3.78 -13.14
CA GLU A 269 12.02 -3.19 -14.44
C GLU A 269 10.53 -2.92 -14.63
N VAL A 270 10.23 -1.93 -15.46
CA VAL A 270 8.86 -1.44 -15.68
C VAL A 270 8.60 -1.36 -17.18
N VAL A 271 7.38 -1.69 -17.58
CA VAL A 271 6.93 -1.57 -18.97
C VAL A 271 5.91 -0.45 -19.04
N ILE A 272 6.14 0.50 -19.94
CA ILE A 272 5.25 1.65 -20.13
C ILE A 272 4.90 1.76 -21.61
N GLY A 273 3.60 1.78 -21.91
CA GLY A 273 3.15 1.91 -23.28
C GLY A 273 3.09 3.35 -23.75
N THR A 274 3.13 3.52 -25.06
CA THR A 274 3.10 4.84 -25.67
C THR A 274 2.45 4.77 -27.04
N PRO A 275 1.42 5.58 -27.29
CA PRO A 275 0.83 5.63 -28.64
C PRO A 275 1.70 6.43 -29.59
N VAL A 276 1.83 5.92 -30.82
CA VAL A 276 2.61 6.58 -31.86
C VAL A 276 1.70 6.83 -33.06
N ALA A 277 2.04 7.87 -33.83
CA ALA A 277 1.23 8.21 -34.98
C ALA A 277 1.29 7.14 -36.07
N ASN A 278 2.42 6.45 -36.18
CA ASN A 278 2.62 5.39 -37.18
C ASN A 278 2.43 5.92 -38.60
N ARG A 279 2.73 7.20 -38.80
CA ARG A 279 2.68 7.81 -40.13
C ARG A 279 4.09 8.19 -40.56
N GLN A 280 5.03 7.25 -40.47
CA GLN A 280 6.43 7.55 -40.75
C GLN A 280 6.63 7.93 -42.21
N ARG A 281 5.98 7.22 -43.12
CA ARG A 281 6.04 7.57 -44.53
C ARG A 281 5.31 8.89 -44.77
N ALA A 282 5.98 9.82 -45.44
CA ALA A 282 5.41 11.14 -45.70
C ALA A 282 4.15 11.09 -46.55
N GLU A 283 3.83 9.95 -47.15
CA GLU A 283 2.64 9.83 -47.97
C GLU A 283 1.37 9.85 -47.12
N LEU A 284 1.47 9.52 -45.84
CA LEU A 284 0.31 9.33 -44.97
C LEU A 284 0.06 10.50 -44.02
N GLU A 285 1.00 11.44 -43.91
CA GLU A 285 0.92 12.46 -42.87
C GLU A 285 -0.25 13.41 -43.06
N GLY A 286 -0.82 13.49 -44.26
CA GLY A 286 -2.01 14.27 -44.51
C GLY A 286 -3.28 13.46 -44.58
N LEU A 287 -3.24 12.17 -44.28
CA LEU A 287 -4.38 11.29 -44.42
C LEU A 287 -5.21 11.26 -43.14
N ILE A 288 -6.51 11.00 -43.30
CA ILE A 288 -7.43 10.78 -42.20
C ILE A 288 -7.72 9.29 -42.12
N GLY A 289 -7.64 8.73 -40.92
CA GLY A 289 -7.93 7.33 -40.73
C GLY A 289 -7.30 6.80 -39.47
N PHE A 290 -7.49 5.50 -39.26
CA PHE A 290 -6.96 4.80 -38.09
C PHE A 290 -5.51 4.42 -38.38
N PHE A 291 -4.58 5.19 -37.81
CA PHE A 291 -3.16 4.93 -37.96
C PHE A 291 -2.43 4.67 -36.65
N VAL A 292 -2.96 5.13 -35.51
CA VAL A 292 -2.21 5.08 -34.26
C VAL A 292 -1.91 3.65 -33.87
N ASN A 293 -0.67 3.41 -33.45
CA ASN A 293 -0.22 2.14 -32.92
C ASN A 293 0.39 2.37 -31.54
N THR A 294 0.59 1.29 -30.80
CA THR A 294 1.12 1.34 -29.44
C THR A 294 2.43 0.57 -29.35
N LEU A 295 3.41 1.16 -28.66
CA LEU A 295 4.70 0.54 -28.43
C LEU A 295 4.89 0.31 -26.93
N ALA A 296 5.39 -0.87 -26.58
CA ALA A 296 5.66 -1.22 -25.19
C ALA A 296 7.15 -1.03 -24.92
N LEU A 297 7.47 -0.17 -23.96
CA LEU A 297 8.85 0.22 -23.66
C LEU A 297 9.26 -0.40 -22.33
N ARG A 298 10.16 -1.38 -22.40
CA ARG A 298 10.64 -2.09 -21.21
C ARG A 298 11.90 -1.39 -20.71
N VAL A 299 11.80 -0.74 -19.56
CA VAL A 299 12.90 0.01 -18.98
C VAL A 299 13.42 -0.77 -17.78
N ASP A 300 14.70 -1.14 -17.83
CA ASP A 300 15.35 -1.88 -16.76
C ASP A 300 16.08 -0.89 -15.83
N LEU A 301 15.90 -1.10 -14.52
CA LEU A 301 16.53 -0.24 -13.52
C LEU A 301 17.40 -1.02 -12.54
N GLY A 302 17.64 -2.30 -12.78
CA GLY A 302 18.56 -3.04 -11.95
C GLY A 302 19.99 -2.55 -12.11
N GLY A 303 20.82 -2.89 -11.13
CA GLY A 303 22.20 -2.46 -11.13
C GLY A 303 22.43 -1.06 -10.61
N GLU A 304 21.38 -0.38 -10.12
CA GLU A 304 21.47 0.97 -9.56
C GLU A 304 22.17 1.92 -10.54
N PRO A 305 21.56 2.21 -11.68
CA PRO A 305 22.22 3.07 -12.67
C PRO A 305 22.20 4.53 -12.26
N SER A 306 23.01 5.31 -12.98
CA SER A 306 23.01 6.76 -12.81
C SER A 306 21.95 7.38 -13.71
N VAL A 307 21.71 8.67 -13.51
CA VAL A 307 20.78 9.40 -14.36
C VAL A 307 21.27 9.37 -15.81
N ALA A 308 22.57 9.55 -16.02
CA ALA A 308 23.13 9.49 -17.37
C ALA A 308 23.01 8.09 -17.96
N GLY A 309 23.31 7.06 -17.17
CA GLY A 309 23.23 5.70 -17.68
C GLY A 309 21.81 5.29 -18.03
N LEU A 310 20.84 5.72 -17.23
CA LEU A 310 19.44 5.40 -17.52
C LEU A 310 18.96 6.14 -18.77
N LEU A 311 19.34 7.41 -18.91
CA LEU A 311 18.95 8.16 -20.11
C LEU A 311 19.53 7.54 -21.37
N ALA A 312 20.72 6.96 -21.29
CA ALA A 312 21.30 6.30 -22.45
C ALA A 312 20.55 5.02 -22.78
N GLN A 313 20.08 4.30 -21.76
CA GLN A 313 19.31 3.09 -22.00
C GLN A 313 17.94 3.42 -22.62
N VAL A 314 17.25 4.40 -22.06
CA VAL A 314 15.94 4.78 -22.59
C VAL A 314 16.06 5.31 -24.01
N ARG A 315 17.09 6.14 -24.26
CA ARG A 315 17.32 6.62 -25.61
C ARG A 315 17.53 5.46 -26.58
N GLU A 316 18.22 4.42 -26.13
CA GLU A 316 18.49 3.27 -26.98
C GLU A 316 17.21 2.51 -27.31
N ARG A 317 16.39 2.24 -26.29
CA ARG A 317 15.23 1.38 -26.48
C ARG A 317 14.05 2.11 -27.13
N VAL A 318 13.96 3.43 -26.95
CA VAL A 318 12.91 4.18 -27.63
C VAL A 318 13.17 4.24 -29.13
N LEU A 319 14.43 4.49 -29.52
CA LEU A 319 14.78 4.49 -30.94
C LEU A 319 14.61 3.10 -31.54
N ALA A 320 14.91 2.06 -30.77
CA ALA A 320 14.71 0.69 -31.27
C ALA A 320 13.22 0.38 -31.39
N ALA A 321 12.40 0.90 -30.47
CA ALA A 321 10.97 0.67 -30.55
C ALA A 321 10.35 1.42 -31.72
N GLN A 322 10.83 2.64 -31.99
CA GLN A 322 10.29 3.42 -33.10
C GLN A 322 10.73 2.87 -34.45
N SER A 323 11.80 2.08 -34.50
CA SER A 323 12.18 1.41 -35.74
C SER A 323 11.30 0.21 -36.06
N HIS A 324 10.62 -0.34 -35.06
CA HIS A 324 9.75 -1.49 -35.26
C HIS A 324 8.32 -1.16 -34.85
N GLN A 325 7.78 -0.07 -35.39
CA GLN A 325 6.47 0.41 -34.99
C GLN A 325 5.37 0.11 -36.00
N ASP A 326 5.69 -0.55 -37.11
CA ASP A 326 4.64 -0.91 -38.07
C ASP A 326 3.83 -2.10 -37.60
N LEU A 327 4.44 -3.00 -36.82
CA LEU A 327 3.73 -4.18 -36.35
C LEU A 327 2.60 -3.78 -35.40
N PRO A 328 1.38 -4.26 -35.63
CA PRO A 328 0.28 -3.92 -34.71
C PRO A 328 0.55 -4.45 -33.31
N PHE A 329 0.20 -3.63 -32.31
CA PHE A 329 0.46 -4.02 -30.92
C PHE A 329 -0.37 -5.23 -30.50
N GLU A 330 -1.52 -5.44 -31.13
CA GLU A 330 -2.34 -6.61 -30.80
C GLU A 330 -1.60 -7.90 -31.09
N GLN A 331 -0.84 -7.94 -32.20
CA GLN A 331 -0.05 -9.13 -32.52
C GLN A 331 1.12 -9.31 -31.57
N VAL A 332 1.60 -8.23 -30.94
CA VAL A 332 2.61 -8.38 -29.90
C VAL A 332 2.00 -9.04 -28.66
N VAL A 333 0.76 -8.66 -28.33
CA VAL A 333 0.09 -9.23 -27.16
C VAL A 333 -0.23 -10.71 -27.39
N GLU A 334 -0.72 -11.04 -28.59
CA GLU A 334 -1.07 -12.42 -28.88
C GLU A 334 0.14 -13.34 -28.85
N ALA A 335 1.31 -12.84 -29.24
CA ALA A 335 2.51 -13.66 -29.23
C ALA A 335 3.08 -13.81 -27.81
N LEU A 336 3.07 -12.71 -27.04
CA LEU A 336 3.65 -12.75 -25.70
C LEU A 336 2.70 -13.39 -24.69
N LYS A 337 1.45 -12.90 -24.65
CA LYS A 337 0.44 -13.35 -23.70
C LYS A 337 -0.75 -13.92 -24.46
N PRO A 338 -0.63 -15.15 -24.98
CA PRO A 338 -1.83 -15.80 -25.54
C PRO A 338 -2.90 -16.05 -24.50
N GLU A 339 -2.50 -16.25 -23.24
CA GLU A 339 -3.42 -16.27 -22.12
C GLU A 339 -3.14 -15.04 -21.26
N ARG A 340 -4.18 -14.28 -20.95
CA ARG A 340 -4.04 -12.98 -20.32
C ARG A 340 -5.09 -12.81 -19.23
N SER A 341 -4.73 -12.07 -18.19
CA SER A 341 -5.67 -11.75 -17.13
C SER A 341 -6.69 -10.72 -17.59
N LEU A 342 -7.87 -10.76 -16.96
CA LEU A 342 -8.94 -9.83 -17.26
C LEU A 342 -9.06 -8.71 -16.24
N SER A 343 -8.19 -8.68 -15.24
CA SER A 343 -8.22 -7.63 -14.22
C SER A 343 -7.32 -6.45 -14.56
N HIS A 344 -6.53 -6.54 -15.62
CA HIS A 344 -5.64 -5.45 -15.99
C HIS A 344 -5.27 -5.57 -17.46
N SER A 345 -4.76 -4.49 -18.02
CA SER A 345 -4.37 -4.47 -19.42
C SER A 345 -3.12 -5.33 -19.65
N PRO A 346 -2.97 -5.90 -20.83
CA PRO A 346 -1.82 -6.78 -21.09
C PRO A 346 -0.54 -6.00 -21.36
N VAL A 347 0.58 -6.65 -21.06
CA VAL A 347 1.93 -6.18 -21.35
C VAL A 347 2.28 -4.95 -20.50
N PHE A 348 1.43 -3.93 -20.52
CA PHE A 348 1.66 -2.75 -19.69
C PHE A 348 0.34 -2.29 -19.09
N GLN A 349 0.45 -1.58 -17.96
CA GLN A 349 -0.69 -0.99 -17.29
C GLN A 349 -0.54 0.52 -17.11
N LEU A 350 0.54 1.11 -17.60
CA LEU A 350 0.78 2.55 -17.52
C LEU A 350 1.12 3.05 -18.91
N MET A 351 0.48 4.14 -19.33
CA MET A 351 0.71 4.71 -20.65
C MET A 351 1.21 6.14 -20.53
N LEU A 352 2.16 6.51 -21.38
CA LEU A 352 2.70 7.86 -21.46
C LEU A 352 2.51 8.34 -22.89
N SER A 353 1.67 9.36 -23.06
CA SER A 353 1.40 9.96 -24.36
CA SER A 353 1.40 9.96 -24.36
C SER A 353 2.03 11.35 -24.42
N TRP A 354 2.73 11.63 -25.50
CA TRP A 354 3.42 12.91 -25.70
C TRP A 354 2.78 13.63 -26.87
N GLU A 355 2.03 14.70 -26.57
CA GLU A 355 1.39 15.49 -27.60
C GLU A 355 2.26 16.67 -28.02
N SER A 356 2.00 17.19 -29.21
CA SER A 356 2.79 18.26 -29.79
C SER A 356 2.03 19.58 -29.70
N SER A 357 2.55 20.60 -30.39
CA SER A 357 1.92 21.92 -30.38
C SER A 357 1.34 22.25 -31.75
N ALA A 361 2.09 21.96 -36.90
CA ALA A 361 2.18 22.50 -38.26
C ALA A 361 1.67 23.93 -38.32
N LEU A 362 0.40 24.11 -37.99
CA LEU A 362 -0.23 25.42 -37.98
C LEU A 362 -1.35 25.42 -36.95
N GLN A 363 -2.08 26.54 -36.88
CA GLN A 363 -3.17 26.68 -35.91
C GLN A 363 -4.08 27.81 -36.35
N MET A 364 -5.37 27.52 -36.52
CA MET A 364 -6.40 28.50 -36.83
C MET A 364 -6.03 29.29 -38.09
N SER A 365 -6.16 28.62 -39.23
CA SER A 365 -5.85 29.22 -40.51
C SER A 365 -7.03 30.03 -41.01
N PRO A 366 -8.25 29.77 -40.53
CA PRO A 366 -9.41 30.51 -41.04
C PRO A 366 -9.45 31.95 -40.55
N LEU A 367 -9.95 32.16 -39.33
CA LEU A 367 -10.03 33.50 -38.76
C LEU A 367 -9.92 33.44 -37.24
N ARG A 368 -11.04 33.49 -36.55
CA ARG A 368 -11.08 33.43 -35.09
C ARG A 368 -11.60 32.06 -34.67
N ALA A 369 -10.77 31.04 -34.86
CA ALA A 369 -11.09 29.67 -34.49
C ALA A 369 -10.23 29.26 -33.30
N ARG A 370 -10.87 29.00 -32.17
CA ARG A 370 -10.14 28.63 -30.96
C ARG A 370 -10.23 27.12 -30.73
N PRO A 371 -9.11 26.44 -30.50
CA PRO A 371 -9.17 25.00 -30.23
C PRO A 371 -9.90 24.69 -28.94
N LEU A 372 -11.08 24.08 -29.05
CA LEU A 372 -11.88 23.77 -27.88
C LEU A 372 -11.17 22.73 -27.01
N ALA A 373 -10.99 23.06 -25.73
CA ALA A 373 -10.28 22.17 -24.83
C ALA A 373 -11.12 20.92 -24.55
N PRO A 374 -10.49 19.74 -24.55
CA PRO A 374 -11.24 18.53 -24.25
C PRO A 374 -11.69 18.47 -22.80
N VAL A 375 -12.85 17.85 -22.58
CA VAL A 375 -13.37 17.71 -21.22
C VAL A 375 -12.47 16.78 -20.41
N ARG A 376 -12.55 16.91 -19.09
CA ARG A 376 -11.72 16.11 -18.19
C ARG A 376 -11.99 14.63 -18.41
N GLU A 377 -10.92 13.85 -18.54
CA GLU A 377 -11.04 12.43 -18.86
C GLU A 377 -11.63 11.67 -17.67
N ARG A 378 -12.67 10.87 -17.93
CA ARG A 378 -13.30 10.06 -16.91
C ARG A 378 -13.25 8.57 -17.21
N SER A 379 -12.57 8.16 -18.28
CA SER A 379 -12.41 6.75 -18.63
C SER A 379 -10.95 6.38 -18.46
N ALA A 380 -10.70 5.25 -17.79
CA ALA A 380 -9.35 4.78 -17.48
C ALA A 380 -9.17 3.39 -18.09
N GLN A 381 -8.60 3.34 -19.29
CA GLN A 381 -8.29 2.05 -19.91
C GLN A 381 -7.10 1.37 -19.25
N PHE A 382 -6.26 2.13 -18.56
CA PHE A 382 -5.10 1.59 -17.86
C PHE A 382 -5.09 2.09 -16.43
N ASP A 383 -4.13 1.60 -15.64
CA ASP A 383 -4.02 2.04 -14.25
C ASP A 383 -3.70 3.52 -14.17
N LEU A 384 -2.69 3.96 -14.92
CA LEU A 384 -2.32 5.37 -14.99
C LEU A 384 -2.04 5.73 -16.44
N SER A 385 -2.51 6.90 -16.87
CA SER A 385 -2.28 7.41 -18.21
C SER A 385 -1.79 8.84 -18.11
N LEU A 386 -0.50 9.04 -18.36
CA LEU A 386 0.13 10.35 -18.28
C LEU A 386 0.16 11.00 -19.66
N HIS A 387 -0.53 12.12 -19.79
CA HIS A 387 -0.57 12.89 -21.03
C HIS A 387 0.18 14.20 -20.82
N LEU A 388 1.11 14.50 -21.72
CA LEU A 388 1.92 15.71 -21.61
C LEU A 388 2.10 16.33 -22.98
N HIS A 389 2.20 17.66 -23.00
CA HIS A 389 2.41 18.39 -24.25
C HIS A 389 3.26 19.62 -23.96
N GLU A 390 4.00 20.06 -24.97
CA GLU A 390 4.84 21.24 -24.87
C GLU A 390 4.01 22.46 -25.27
N ALA A 391 3.73 23.33 -24.30
CA ALA A 391 2.96 24.53 -24.59
C ALA A 391 3.79 25.54 -25.38
N ALA A 392 3.14 26.63 -25.79
CA ALA A 392 3.81 27.64 -26.59
C ALA A 392 4.85 28.41 -25.78
N ASP A 393 4.61 28.59 -24.48
CA ASP A 393 5.52 29.34 -23.62
C ASP A 393 6.68 28.49 -23.10
N GLY A 394 6.95 27.34 -23.72
CA GLY A 394 8.01 26.46 -23.29
C GLY A 394 7.67 25.57 -22.12
N THR A 395 6.62 25.86 -21.37
CA THR A 395 6.23 25.04 -20.24
C THR A 395 5.55 23.76 -20.71
N VAL A 396 5.75 22.70 -19.94
CA VAL A 396 5.15 21.40 -20.22
C VAL A 396 3.95 21.21 -19.29
N ALA A 397 2.79 20.97 -19.87
CA ALA A 397 1.56 20.77 -19.12
C ALA A 397 0.85 19.53 -19.64
N GLY A 398 -0.12 19.05 -18.86
CA GLY A 398 -0.87 17.88 -19.26
C GLY A 398 -1.76 17.37 -18.15
N SER A 399 -2.04 16.07 -18.19
CA SER A 399 -2.95 15.45 -17.24
C SER A 399 -2.45 14.07 -16.89
N LEU A 400 -2.95 13.55 -15.76
CA LEU A 400 -2.66 12.19 -15.29
C LEU A 400 -3.97 11.54 -14.93
N THR A 401 -4.46 10.65 -15.81
CA THR A 401 -5.72 9.96 -15.60
C THR A 401 -5.47 8.65 -14.85
N TYR A 402 -6.29 8.39 -13.84
CA TYR A 402 -6.12 7.24 -12.98
C TYR A 402 -7.42 6.46 -12.87
N ALA A 403 -7.28 5.18 -12.54
CA ALA A 403 -8.44 4.31 -12.30
C ALA A 403 -8.96 4.55 -10.90
N SER A 404 -10.23 4.96 -10.80
CA SER A 404 -10.81 5.31 -9.50
C SER A 404 -10.91 4.11 -8.58
N ALA A 405 -10.99 2.90 -9.12
CA ALA A 405 -11.11 1.72 -8.28
C ALA A 405 -9.82 1.38 -7.56
N LEU A 406 -8.67 1.83 -8.07
CA LEU A 406 -7.38 1.49 -7.50
C LEU A 406 -6.79 2.58 -6.63
N TYR A 407 -6.89 3.85 -7.05
CA TYR A 407 -6.18 4.94 -6.41
C TYR A 407 -7.16 6.02 -5.95
N GLU A 408 -6.84 6.63 -4.81
CA GLU A 408 -7.51 7.85 -4.37
C GLU A 408 -6.81 9.05 -5.01
N ARG A 409 -7.52 10.18 -5.01
CA ARG A 409 -7.00 11.37 -5.69
C ARG A 409 -5.70 11.86 -5.05
N GLU A 410 -5.62 11.83 -3.73
CA GLU A 410 -4.41 12.31 -3.06
C GLU A 410 -3.20 11.43 -3.37
N THR A 411 -3.43 10.13 -3.61
CA THR A 411 -2.33 9.25 -3.98
C THR A 411 -1.76 9.62 -5.34
N VAL A 412 -2.63 9.92 -6.30
CA VAL A 412 -2.19 10.32 -7.63
C VAL A 412 -1.51 11.68 -7.58
N GLN A 413 -2.00 12.58 -6.72
CA GLN A 413 -1.36 13.89 -6.59
C GLN A 413 0.06 13.78 -6.04
N ARG A 414 0.27 12.93 -5.04
CA ARG A 414 1.62 12.68 -4.57
C ARG A 414 2.48 11.98 -5.62
N HIS A 415 1.85 11.13 -6.45
CA HIS A 415 2.58 10.48 -7.52
C HIS A 415 3.14 11.49 -8.52
N ALA A 416 2.32 12.48 -8.90
CA ALA A 416 2.79 13.52 -9.79
C ALA A 416 3.85 14.39 -9.14
N GLY A 417 3.77 14.57 -7.82
CA GLY A 417 4.80 15.33 -7.12
C GLY A 417 6.14 14.63 -7.12
N TYR A 418 6.14 13.30 -6.95
CA TYR A 418 7.37 12.54 -7.01
C TYR A 418 8.04 12.68 -8.37
N LEU A 419 7.23 12.62 -9.45
CA LEU A 419 7.77 12.71 -10.80
C LEU A 419 8.43 14.06 -11.04
N LYS A 420 7.77 15.15 -10.63
CA LYS A 420 8.37 16.48 -10.78
C LYS A 420 9.61 16.62 -9.92
N ALA A 421 9.61 16.03 -8.73
CA ALA A 421 10.80 16.09 -7.87
C ALA A 421 11.94 15.27 -8.45
N LEU A 422 11.63 14.12 -9.04
CA LEU A 422 12.67 13.28 -9.64
C LEU A 422 13.26 13.96 -10.87
N LEU A 423 12.43 14.63 -11.67
CA LEU A 423 12.93 15.34 -12.83
C LEU A 423 13.87 16.47 -12.43
N ALA A 424 13.56 17.16 -11.34
CA ALA A 424 14.43 18.25 -10.88
C ALA A 424 15.78 17.71 -10.41
N GLY A 425 15.78 16.52 -9.79
CA GLY A 425 17.03 15.92 -9.37
C GLY A 425 17.88 15.49 -10.54
N MET A 426 17.25 14.98 -11.60
CA MET A 426 17.99 14.59 -12.80
C MET A 426 18.65 15.80 -13.44
N VAL A 427 17.98 16.96 -13.40
CA VAL A 427 18.58 18.18 -13.92
C VAL A 427 19.70 18.66 -13.01
N ALA A 428 19.51 18.56 -11.70
CA ALA A 428 20.50 19.06 -10.75
C ALA A 428 21.81 18.30 -10.85
N ASP A 429 21.75 16.99 -11.12
CA ASP A 429 22.96 16.18 -11.20
C ASP A 429 22.62 14.91 -11.98
N ASP A 430 23.03 14.85 -13.24
CA ASP A 430 22.81 13.69 -14.08
C ASP A 430 23.84 12.58 -13.86
N THR A 431 24.72 12.73 -12.88
CA THR A 431 25.73 11.72 -12.57
C THR A 431 25.42 10.92 -11.32
N GLN A 432 24.37 11.27 -10.58
CA GLN A 432 24.05 10.62 -9.33
C GLN A 432 23.21 9.36 -9.57
N PRO A 433 23.19 8.44 -8.60
CA PRO A 433 22.26 7.30 -8.69
C PRO A 433 20.82 7.78 -8.75
N VAL A 434 20.12 7.38 -9.81
CA VAL A 434 18.78 7.91 -10.05
C VAL A 434 17.78 7.41 -9.02
N GLN A 435 17.98 6.19 -8.52
CA GLN A 435 17.01 5.60 -7.60
C GLN A 435 17.19 6.07 -6.15
N ARG A 436 18.14 6.94 -5.87
CA ARG A 436 18.32 7.50 -4.54
C ARG A 436 18.03 9.00 -4.50
N ILE A 437 17.54 9.57 -5.61
CA ILE A 437 17.14 10.97 -5.63
C ILE A 437 15.93 11.16 -4.71
N GLY A 438 15.98 12.22 -3.91
CA GLY A 438 14.88 12.50 -2.99
C GLY A 438 13.63 12.88 -3.75
N ILE A 439 12.52 12.23 -3.43
CA ILE A 439 11.24 12.50 -4.09
C ILE A 439 10.16 12.94 -3.13
N LEU A 440 10.29 12.69 -1.84
CA LEU A 440 9.24 13.05 -0.89
C LEU A 440 9.15 14.55 -0.72
N GLY A 441 7.94 15.09 -0.80
CA GLY A 441 7.73 16.46 -0.39
C GLY A 441 7.83 16.62 1.11
N GLU A 442 8.11 17.84 1.54
CA GLU A 442 8.28 18.10 2.97
C GLU A 442 7.00 17.84 3.76
N ALA A 443 5.84 18.08 3.14
CA ALA A 443 4.57 17.85 3.83
C ALA A 443 4.37 16.39 4.15
N GLU A 444 4.62 15.51 3.18
CA GLU A 444 4.44 14.07 3.42
C GLU A 444 5.52 13.54 4.36
N ARG A 445 6.76 14.02 4.21
CA ARG A 445 7.83 13.56 5.10
C ARG A 445 7.53 13.91 6.54
N HIS A 446 7.04 15.13 6.79
CA HIS A 446 6.66 15.50 8.15
C HIS A 446 5.46 14.70 8.65
N ARG A 447 4.53 14.37 7.76
CA ARG A 447 3.38 13.57 8.16
C ARG A 447 3.81 12.14 8.51
N LEU A 448 4.71 11.56 7.72
CA LEU A 448 5.19 10.21 7.99
C LEU A 448 6.00 10.15 9.27
N LEU A 449 6.92 11.09 9.46
CA LEU A 449 7.87 11.01 10.56
C LEU A 449 7.30 11.55 11.87
N VAL A 450 6.54 12.64 11.81
CA VAL A 450 6.08 13.35 13.01
C VAL A 450 4.59 13.14 13.25
N GLU A 451 3.74 13.55 12.30
CA GLU A 451 2.30 13.60 12.56
C GLU A 451 1.75 12.21 12.87
N TRP A 452 2.14 11.20 12.09
CA TRP A 452 1.68 9.85 12.34
C TRP A 452 2.42 9.15 13.47
N ASN A 453 3.38 9.83 14.10
CA ASN A 453 4.07 9.34 15.30
C ASN A 453 3.79 10.22 16.51
N ASP A 454 2.72 11.01 16.48
CA ASP A 454 2.38 11.91 17.57
C ASP A 454 1.71 11.11 18.67
N THR A 455 2.54 10.39 19.44
CA THR A 455 2.06 9.48 20.46
C THR A 455 2.55 9.83 21.85
N ALA A 456 3.14 11.01 22.03
CA ALA A 456 3.65 11.40 23.35
C ALA A 456 2.50 11.46 24.35
N ARG A 457 2.63 10.69 25.43
CA ARG A 457 1.60 10.60 26.46
C ARG A 457 2.29 10.63 27.81
N GLU A 458 1.79 11.48 28.71
CA GLU A 458 2.43 11.69 30.00
C GLU A 458 2.10 10.52 30.92
N HIS A 459 3.05 9.59 31.06
CA HIS A 459 2.98 8.50 32.01
C HIS A 459 4.10 8.63 33.03
N PRO A 460 3.87 8.21 34.27
CA PRO A 460 4.95 8.28 35.28
C PRO A 460 6.13 7.40 34.88
N ARG A 461 7.27 8.05 34.64
CA ARG A 461 8.49 7.35 34.26
C ARG A 461 9.38 7.02 35.45
N THR A 462 8.85 7.10 36.67
CA THR A 462 9.60 6.80 37.87
C THR A 462 9.05 5.60 38.61
N VAL A 463 8.13 4.85 38.00
CA VAL A 463 7.46 3.73 38.64
C VAL A 463 7.88 2.43 37.95
N CYS A 464 8.04 1.37 38.74
CA CYS A 464 8.37 0.05 38.23
C CYS A 464 7.12 -0.80 38.13
N VAL A 465 7.27 -1.98 37.51
CA VAL A 465 6.11 -2.81 37.19
C VAL A 465 5.40 -3.26 38.46
N HIS A 466 6.16 -3.82 39.41
CA HIS A 466 5.57 -4.29 40.66
C HIS A 466 4.96 -3.15 41.47
N GLU A 467 5.47 -1.93 41.31
CA GLU A 467 4.93 -0.80 42.06
C GLU A 467 3.54 -0.43 41.57
N LEU A 468 3.24 -0.65 40.29
CA LEU A 468 1.86 -0.50 39.82
C LEU A 468 0.92 -1.43 40.58
N PHE A 469 1.35 -2.68 40.76
CA PHE A 469 0.56 -3.62 41.55
C PHE A 469 0.45 -3.16 43.00
N GLU A 470 1.56 -2.73 43.60
CA GLU A 470 1.53 -2.30 45.00
C GLU A 470 0.64 -1.09 45.21
N GLN A 471 0.59 -0.19 44.23
CA GLN A 471 -0.33 0.94 44.33
C GLN A 471 -1.77 0.48 44.26
N GLN A 472 -2.06 -0.57 43.49
CA GLN A 472 -3.42 -1.09 43.43
C GLN A 472 -3.79 -1.84 44.70
N VAL A 473 -2.81 -2.48 45.36
CA VAL A 473 -3.08 -3.16 46.62
C VAL A 473 -3.59 -2.19 47.66
N GLU A 474 -2.97 -1.00 47.73
CA GLU A 474 -3.43 0.00 48.70
C GLU A 474 -4.83 0.51 48.35
N ARG A 475 -5.19 0.52 47.07
CA ARG A 475 -6.52 1.00 46.68
C ARG A 475 -7.60 -0.02 46.97
N SER A 476 -7.31 -1.31 46.81
CA SER A 476 -8.30 -2.37 47.01
C SER A 476 -7.61 -3.61 47.54
N PRO A 477 -7.25 -3.60 48.83
CA PRO A 477 -6.51 -4.75 49.38
C PRO A 477 -7.34 -6.02 49.46
N ASP A 478 -8.66 -5.91 49.63
CA ASP A 478 -9.51 -7.08 49.80
C ASP A 478 -10.18 -7.54 48.51
N ALA A 479 -9.99 -6.81 47.41
CA ALA A 479 -10.51 -7.26 46.13
C ALA A 479 -9.78 -8.53 45.68
N VAL A 480 -10.46 -9.33 44.87
CA VAL A 480 -9.87 -10.55 44.34
C VAL A 480 -8.82 -10.21 43.30
N ALA A 481 -7.63 -10.78 43.44
CA ALA A 481 -6.54 -10.55 42.50
C ALA A 481 -6.22 -11.74 41.61
N LEU A 482 -6.23 -12.95 42.15
CA LEU A 482 -5.73 -14.12 41.44
C LEU A 482 -6.62 -15.32 41.73
N VAL A 483 -6.99 -16.05 40.70
CA VAL A 483 -7.87 -17.22 40.81
C VAL A 483 -7.21 -18.40 40.11
N TYR A 484 -7.20 -19.56 40.77
CA TYR A 484 -6.63 -20.77 40.16
C TYR A 484 -7.30 -21.99 40.76
N GLU A 485 -8.14 -22.66 39.96
CA GLU A 485 -8.68 -23.98 40.29
C GLU A 485 -9.26 -24.03 41.71
N GLY A 486 -10.24 -23.17 41.95
CA GLY A 486 -10.92 -23.13 43.23
C GLY A 486 -10.21 -22.36 44.31
N GLN A 487 -8.93 -22.03 44.14
CA GLN A 487 -8.19 -21.18 45.06
C GLN A 487 -8.22 -19.73 44.57
N GLN A 488 -8.05 -18.81 45.51
CA GLN A 488 -7.96 -17.41 45.13
C GLN A 488 -7.22 -16.63 46.19
N LEU A 489 -6.56 -15.57 45.77
CA LEU A 489 -5.84 -14.66 46.65
C LEU A 489 -6.32 -13.24 46.40
N SER A 490 -6.52 -12.48 47.47
CA SER A 490 -6.83 -11.07 47.36
C SER A 490 -5.57 -10.30 46.99
N TYR A 491 -5.73 -9.00 46.73
CA TYR A 491 -4.57 -8.16 46.42
C TYR A 491 -3.60 -8.12 47.60
N ARG A 492 -4.11 -8.00 48.82
CA ARG A 492 -3.25 -7.96 49.99
C ARG A 492 -2.57 -9.31 50.22
N GLU A 493 -3.31 -10.41 50.09
CA GLU A 493 -2.73 -11.73 50.31
C GLU A 493 -1.65 -12.04 49.27
N LEU A 494 -1.90 -11.70 48.01
CA LEU A 494 -0.90 -11.90 46.97
C LEU A 494 0.33 -11.03 47.21
N ASP A 495 0.11 -9.78 47.63
CA ASP A 495 1.24 -8.89 47.90
C ASP A 495 2.09 -9.41 49.04
N ARG A 496 1.46 -9.94 50.08
CA ARG A 496 2.22 -10.43 51.23
C ARG A 496 3.02 -11.68 50.87
N GLN A 497 2.44 -12.59 50.09
CA GLN A 497 3.18 -13.77 49.65
C GLN A 497 4.39 -13.38 48.82
N ALA A 498 4.22 -12.38 47.93
CA ALA A 498 5.34 -11.93 47.11
C ALA A 498 6.41 -11.25 47.95
N ASN A 499 6.00 -10.49 48.97
CA ASN A 499 6.98 -9.81 49.82
C ASN A 499 7.85 -10.82 50.58
N ARG A 500 7.25 -11.89 51.09
CA ARG A 500 8.03 -12.89 51.80
C ARG A 500 9.08 -13.53 50.90
N LEU A 501 8.67 -13.95 49.70
CA LEU A 501 9.61 -14.55 48.76
C LEU A 501 10.64 -13.55 48.28
N ALA A 502 10.25 -12.28 48.11
CA ALA A 502 11.19 -11.27 47.67
C ALA A 502 12.30 -11.06 48.69
N ARG A 503 11.97 -11.09 49.98
CA ARG A 503 12.99 -10.97 51.01
C ARG A 503 13.93 -12.17 51.00
N GLN A 504 13.40 -13.37 50.72
CA GLN A 504 14.26 -14.54 50.60
C GLN A 504 15.16 -14.42 49.38
N LEU A 505 14.65 -13.88 48.27
CA LEU A 505 15.48 -13.63 47.10
C LEU A 505 16.56 -12.60 47.39
N LYS A 506 16.22 -11.55 48.14
CA LYS A 506 17.20 -10.55 48.51
C LYS A 506 18.34 -11.15 49.33
N ALA A 507 17.99 -12.10 50.22
CA ALA A 507 19.02 -12.78 51.01
C ALA A 507 19.92 -13.66 50.17
N LEU A 508 19.54 -13.96 48.93
CA LEU A 508 20.35 -14.78 48.04
C LEU A 508 21.03 -13.95 46.95
N GLY A 509 21.11 -12.64 47.14
CA GLY A 509 21.83 -11.77 46.24
C GLY A 509 21.06 -11.23 45.06
N VAL A 510 19.74 -11.39 45.04
CA VAL A 510 18.95 -10.84 43.95
C VAL A 510 18.89 -9.32 44.09
N GLY A 511 19.08 -8.62 42.97
CA GLY A 511 19.05 -7.18 42.95
C GLY A 511 18.97 -6.65 41.54
N PRO A 512 19.21 -5.34 41.39
CA PRO A 512 19.09 -4.70 40.08
C PRO A 512 19.89 -5.42 39.01
N ASP A 513 19.22 -5.75 37.89
CA ASP A 513 19.74 -6.41 36.70
C ASP A 513 20.16 -7.85 36.93
N GLU A 514 20.02 -8.39 38.15
CA GLU A 514 20.24 -9.81 38.36
C GLU A 514 19.03 -10.59 37.87
N ARG A 515 19.27 -11.78 37.33
CA ARG A 515 18.21 -12.62 36.80
C ARG A 515 17.78 -13.65 37.82
N VAL A 516 16.51 -14.01 37.78
CA VAL A 516 15.95 -15.11 38.57
C VAL A 516 15.16 -15.98 37.61
N ALA A 517 15.62 -17.20 37.38
CA ALA A 517 14.89 -18.12 36.52
C ALA A 517 13.69 -18.67 37.28
N VAL A 518 12.58 -18.84 36.56
CA VAL A 518 11.33 -19.34 37.13
C VAL A 518 10.86 -20.50 36.27
N CYS A 519 10.77 -21.68 36.87
CA CYS A 519 10.33 -22.89 36.16
C CYS A 519 9.13 -23.48 36.89
N THR A 520 7.95 -23.28 36.34
CA THR A 520 6.72 -23.74 36.97
C THR A 520 5.62 -23.80 35.92
N GLU A 521 4.66 -24.70 36.14
CA GLU A 521 3.41 -24.65 35.42
C GLU A 521 2.53 -23.54 36.02
N ARG A 522 1.42 -23.26 35.36
CA ARG A 522 0.50 -22.25 35.87
C ARG A 522 -0.08 -22.67 37.21
N CYS A 523 -0.14 -21.72 38.13
CA CYS A 523 -0.71 -21.87 39.47
C CYS A 523 -0.64 -20.51 40.14
N LEU A 524 -1.13 -20.43 41.39
CA LEU A 524 -1.03 -19.17 42.13
C LEU A 524 0.42 -18.75 42.30
N GLU A 525 1.31 -19.71 42.57
CA GLU A 525 2.70 -19.39 42.89
C GLU A 525 3.49 -18.88 41.70
N MET A 526 3.02 -19.12 40.47
CA MET A 526 3.68 -18.53 39.32
C MET A 526 3.67 -17.01 39.40
N VAL A 527 2.53 -16.42 39.76
CA VAL A 527 2.44 -14.97 39.87
C VAL A 527 3.14 -14.48 41.12
N VAL A 528 3.09 -15.26 42.21
CA VAL A 528 3.87 -14.92 43.40
C VAL A 528 5.35 -14.81 43.06
N ALA A 529 5.85 -15.77 42.27
CA ALA A 529 7.27 -15.76 41.90
C ALA A 529 7.62 -14.53 41.08
N LEU A 530 6.82 -14.23 40.06
CA LEU A 530 7.11 -13.10 39.17
C LEU A 530 7.11 -11.80 39.95
N LEU A 531 6.10 -11.58 40.80
CA LEU A 531 6.05 -10.36 41.59
C LEU A 531 7.20 -10.30 42.59
N ALA A 532 7.59 -11.44 43.15
CA ALA A 532 8.67 -11.46 44.14
C ALA A 532 10.01 -11.09 43.51
N VAL A 533 10.27 -11.61 42.30
CA VAL A 533 11.51 -11.25 41.60
C VAL A 533 11.57 -9.75 41.36
N LEU A 534 10.46 -9.19 40.86
CA LEU A 534 10.42 -7.75 40.60
C LEU A 534 10.57 -6.95 41.89
N LYS A 535 9.90 -7.39 42.95
CA LYS A 535 10.03 -6.72 44.24
C LYS A 535 11.45 -6.81 44.79
N ALA A 536 12.12 -7.94 44.57
CA ALA A 536 13.51 -8.08 44.99
C ALA A 536 14.47 -7.26 44.13
N GLY A 537 13.97 -6.58 43.10
CA GLY A 537 14.81 -5.77 42.25
C GLY A 537 15.42 -6.50 41.07
N GLY A 538 15.09 -7.77 40.85
CA GLY A 538 15.65 -8.54 39.77
C GLY A 538 14.73 -8.63 38.56
N ALA A 539 15.18 -9.42 37.59
CA ALA A 539 14.44 -9.67 36.36
C ALA A 539 14.17 -11.16 36.26
N TYR A 540 12.93 -11.53 35.95
CA TYR A 540 12.57 -12.94 35.90
C TYR A 540 12.81 -13.52 34.52
N VAL A 541 13.20 -14.78 34.49
CA VAL A 541 13.44 -15.52 33.25
C VAL A 541 12.50 -16.71 33.24
N PRO A 542 11.42 -16.64 32.45
CA PRO A 542 10.44 -17.75 32.46
C PRO A 542 10.99 -18.96 31.73
N LEU A 543 10.93 -20.11 32.41
CA LEU A 543 11.38 -21.39 31.86
C LEU A 543 10.16 -22.32 31.80
N ASP A 544 9.57 -22.42 30.61
CA ASP A 544 8.41 -23.28 30.42
C ASP A 544 8.82 -24.74 30.56
N PRO A 545 8.27 -25.48 31.52
CA PRO A 545 8.67 -26.89 31.70
C PRO A 545 8.36 -27.77 30.50
N GLY A 546 7.48 -27.33 29.59
CA GLY A 546 7.17 -28.12 28.41
C GLY A 546 8.28 -28.15 27.38
N TYR A 547 9.23 -27.23 27.46
CA TYR A 547 10.33 -27.20 26.51
C TYR A 547 11.27 -28.38 26.75
N PRO A 548 12.03 -28.79 25.73
CA PRO A 548 13.02 -29.85 25.93
C PRO A 548 14.04 -29.47 26.98
N ALA A 549 14.59 -30.50 27.64
CA ALA A 549 15.54 -30.27 28.72
C ALA A 549 16.77 -29.53 28.24
N GLU A 550 17.25 -29.85 27.03
CA GLU A 550 18.41 -29.17 26.48
C GLU A 550 18.16 -27.67 26.34
N ARG A 551 16.97 -27.30 25.88
CA ARG A 551 16.63 -25.88 25.74
C ARG A 551 16.56 -25.19 27.10
N LEU A 552 15.91 -25.84 28.08
CA LEU A 552 15.82 -25.25 29.41
C LEU A 552 17.19 -25.09 30.04
N GLU A 553 18.07 -26.09 29.87
CA GLU A 553 19.40 -26.01 30.45
C GLU A 553 20.25 -24.94 29.79
N TYR A 554 20.03 -24.68 28.49
CA TYR A 554 20.78 -23.63 27.81
C TYR A 554 20.37 -22.26 28.34
N MET A 555 19.07 -21.98 28.35
CA MET A 555 18.58 -20.71 28.87
C MET A 555 18.95 -20.53 30.33
N LEU A 556 18.98 -21.62 31.10
CA LEU A 556 19.35 -21.54 32.51
C LEU A 556 20.83 -21.18 32.66
N ALA A 557 21.68 -21.70 31.76
CA ALA A 557 23.10 -21.35 31.79
C ALA A 557 23.37 -20.02 31.10
N ASP A 558 22.63 -19.70 30.04
CA ASP A 558 22.87 -18.45 29.32
C ASP A 558 22.50 -17.24 30.16
N SER A 559 21.38 -17.32 30.90
CA SER A 559 20.93 -16.19 31.71
C SER A 559 21.76 -16.01 32.98
N ALA A 560 22.47 -17.05 33.42
CA ALA A 560 23.29 -17.01 34.61
C ALA A 560 22.58 -16.36 35.80
N PRO A 561 21.46 -16.92 36.25
CA PRO A 561 20.67 -16.27 37.30
C PRO A 561 21.30 -16.47 38.67
N LYS A 562 20.93 -15.57 39.58
CA LYS A 562 21.32 -15.75 40.99
C LYS A 562 20.52 -16.88 41.62
N VAL A 563 19.24 -16.99 41.29
CA VAL A 563 18.33 -17.94 41.92
C VAL A 563 17.49 -18.60 40.83
N LEU A 564 17.17 -19.88 41.04
CA LEU A 564 16.17 -20.59 40.26
C LEU A 564 14.98 -20.89 41.18
N LEU A 565 13.84 -20.25 40.90
CA LEU A 565 12.59 -20.58 41.57
C LEU A 565 11.94 -21.75 40.84
N ARG A 566 11.73 -22.85 41.55
CA ARG A 566 11.32 -24.10 40.92
C ARG A 566 10.06 -24.64 41.59
N GLN A 567 9.08 -25.00 40.78
CA GLN A 567 7.89 -25.67 41.28
C GLN A 567 8.26 -27.07 41.75
N SER A 568 7.66 -27.49 42.86
CA SER A 568 7.88 -28.85 43.35
C SER A 568 7.42 -29.85 42.31
N GLY A 569 8.27 -30.86 42.05
CA GLY A 569 8.04 -31.83 41.01
C GLY A 569 8.96 -31.66 39.82
N GLN A 570 9.37 -30.42 39.53
CA GLN A 570 10.32 -30.18 38.45
C GLN A 570 11.71 -30.64 38.88
N THR A 571 12.46 -31.19 37.93
CA THR A 571 13.77 -31.77 38.19
C THR A 571 14.92 -30.93 37.66
N LEU A 572 14.64 -29.73 37.18
CA LEU A 572 15.68 -28.88 36.60
C LEU A 572 16.70 -28.49 37.67
N GLU A 573 17.97 -28.82 37.43
CA GLU A 573 19.04 -28.53 38.37
C GLU A 573 20.11 -27.70 37.67
N PRO A 574 20.34 -26.45 38.09
CA PRO A 574 21.33 -25.61 37.41
C PRO A 574 22.76 -25.93 37.78
N GLY A 575 23.00 -26.28 39.05
CA GLY A 575 24.38 -26.32 39.50
C GLY A 575 24.99 -24.94 39.38
N ALA A 576 26.30 -24.92 39.10
CA ALA A 576 27.05 -23.69 38.79
C ALA A 576 26.85 -22.60 39.84
N GLY A 577 26.68 -22.97 41.10
CA GLY A 577 26.52 -21.96 42.12
C GLY A 577 25.16 -21.28 42.18
N VAL A 578 24.21 -21.70 41.36
CA VAL A 578 22.88 -21.09 41.35
C VAL A 578 22.07 -21.64 42.51
N ALA A 579 21.46 -20.73 43.28
CA ALA A 579 20.62 -21.11 44.41
C ALA A 579 19.25 -21.57 43.91
N VAL A 580 18.81 -22.73 44.39
CA VAL A 580 17.51 -23.27 44.02
C VAL A 580 16.56 -23.07 45.20
N LEU A 581 15.46 -22.37 44.94
CA LEU A 581 14.42 -22.12 45.93
CA LEU A 581 14.42 -22.12 45.93
C LEU A 581 13.13 -22.79 45.48
N ALA A 582 12.51 -23.55 46.38
CA ALA A 582 11.24 -24.18 46.06
C ALA A 582 10.15 -23.12 45.99
N LEU A 583 9.31 -23.20 44.96
CA LEU A 583 8.27 -22.21 44.75
C LEU A 583 6.98 -22.58 45.47
N ASP A 584 6.64 -23.86 45.53
CA ASP A 584 5.47 -24.34 46.26
C ASP A 584 5.85 -25.62 46.99
N GLY A 585 4.86 -26.30 47.55
CA GLY A 585 5.09 -27.53 48.26
C GLY A 585 5.69 -27.30 49.63
N GLU A 586 5.98 -28.41 50.31
CA GLU A 586 6.51 -28.33 51.67
C GLU A 586 7.92 -27.72 51.70
N ALA A 587 8.70 -27.93 50.64
CA ALA A 587 10.04 -27.37 50.60
C ALA A 587 10.05 -25.85 50.45
N SER A 588 8.92 -25.23 50.12
CA SER A 588 8.82 -23.78 50.04
C SER A 588 8.41 -23.13 51.35
N GLN A 589 8.05 -23.93 52.36
CA GLN A 589 7.61 -23.38 53.63
C GLN A 589 8.65 -22.50 54.34
N PRO A 590 9.98 -22.74 54.27
CA PRO A 590 10.90 -21.91 55.06
C PRO A 590 10.77 -20.41 54.84
N TRP A 591 10.56 -19.95 53.60
CA TRP A 591 10.48 -18.51 53.39
C TRP A 591 9.12 -17.94 53.76
N GLN A 592 8.20 -18.75 54.28
CA GLN A 592 7.02 -18.20 54.94
C GLN A 592 7.36 -17.53 56.26
N ALA A 593 8.54 -17.81 56.82
CA ALA A 593 8.97 -17.15 58.04
C ALA A 593 9.41 -15.71 57.80
N GLN A 594 9.58 -15.29 56.55
CA GLN A 594 9.94 -13.92 56.25
C GLN A 594 8.79 -12.98 56.63
N PRO A 595 9.11 -11.74 57.05
CA PRO A 595 8.06 -10.76 57.26
C PRO A 595 7.32 -10.47 55.96
N ALA A 596 6.01 -10.27 56.08
CA ALA A 596 5.17 -10.02 54.92
C ALA A 596 5.15 -8.55 54.50
N GLN A 597 5.84 -7.68 55.22
CA GLN A 597 5.87 -6.28 54.86
C GLN A 597 6.73 -6.07 53.61
N ARG A 598 6.44 -4.97 52.91
CA ARG A 598 7.09 -4.68 51.64
C ARG A 598 8.53 -4.24 51.85
N LEU A 599 9.39 -4.64 50.92
CA LEU A 599 10.75 -4.10 50.87
C LEU A 599 10.70 -2.64 50.43
N SER A 600 11.50 -1.80 51.09
CA SER A 600 11.58 -0.40 50.71
C SER A 600 12.22 -0.27 49.32
N ARG A 601 12.02 0.90 48.72
CA ARG A 601 12.61 1.15 47.41
C ARG A 601 14.13 1.19 47.48
N ASP A 602 14.68 1.55 48.64
CA ASP A 602 16.14 1.55 48.80
C ASP A 602 16.66 0.16 49.14
N ASP A 603 15.85 -0.69 49.77
CA ASP A 603 16.30 -2.05 50.08
C ASP A 603 16.56 -2.84 48.81
N SER A 604 15.68 -2.70 47.81
CA SER A 604 15.90 -3.34 46.52
C SER A 604 16.73 -2.47 45.57
N GLY A 605 16.57 -1.15 45.63
CA GLY A 605 17.36 -0.27 44.80
C GLY A 605 17.02 -0.32 43.33
N VAL A 606 15.89 -0.91 42.98
CA VAL A 606 15.52 -1.04 41.57
C VAL A 606 14.99 0.28 41.04
N GLN A 607 15.32 0.59 39.80
CA GLN A 607 14.92 1.80 39.12
CA GLN A 607 14.93 1.80 39.11
C GLN A 607 14.27 1.42 37.80
N PRO A 608 13.45 2.32 37.22
CA PRO A 608 12.77 1.98 35.96
C PRO A 608 13.71 1.54 34.84
N HIS A 609 14.96 1.98 34.84
CA HIS A 609 15.88 1.57 33.78
C HIS A 609 16.46 0.18 34.00
N HIS A 610 16.20 -0.44 35.15
CA HIS A 610 16.71 -1.79 35.40
C HIS A 610 15.82 -2.83 34.72
N LEU A 611 16.37 -4.02 34.54
CA LEU A 611 15.68 -5.08 33.83
C LEU A 611 14.47 -5.56 34.62
N ALA A 612 13.37 -5.79 33.92
CA ALA A 612 12.19 -6.42 34.49
C ALA A 612 12.12 -7.91 34.17
N TYR A 613 12.54 -8.31 32.96
CA TYR A 613 12.56 -9.72 32.63
C TYR A 613 13.51 -9.93 31.46
N VAL A 614 13.92 -11.19 31.30
CA VAL A 614 14.68 -11.63 30.13
C VAL A 614 13.92 -12.79 29.53
N ILE A 615 13.27 -12.55 28.38
CA ILE A 615 12.48 -13.55 27.69
C ILE A 615 13.22 -13.93 26.41
N TYR A 616 13.39 -15.23 26.19
CA TYR A 616 14.19 -15.73 25.08
C TYR A 616 13.33 -15.87 23.83
N THR A 617 13.96 -15.62 22.67
CA THR A 617 13.30 -15.76 21.39
C THR A 617 13.03 -17.23 21.09
N SER A 618 12.43 -17.48 19.91
CA SER A 618 12.03 -18.83 19.57
C SER A 618 13.23 -19.75 19.38
N GLY A 619 14.32 -19.24 18.82
CA GLY A 619 15.47 -20.07 18.53
C GLY A 619 15.18 -21.11 17.47
N SER A 620 14.36 -20.77 16.47
CA SER A 620 13.99 -21.73 15.44
C SER A 620 15.18 -22.13 14.59
N THR A 621 16.10 -21.20 14.34
CA THR A 621 17.28 -21.44 13.52
C THR A 621 18.54 -21.02 14.29
N GLY A 622 18.80 -21.71 15.40
CA GLY A 622 19.99 -21.48 16.19
C GLY A 622 19.65 -21.29 17.65
N ARG A 623 20.61 -20.74 18.39
CA ARG A 623 20.44 -20.58 19.82
C ARG A 623 19.48 -19.43 20.11
N PRO A 624 18.59 -19.58 21.09
CA PRO A 624 17.67 -18.49 21.44
C PRO A 624 18.43 -17.34 22.08
N LYS A 625 17.91 -16.13 21.85
CA LYS A 625 18.51 -14.90 22.35
C LYS A 625 17.66 -14.38 23.50
N GLY A 626 18.32 -14.05 24.62
CA GLY A 626 17.62 -13.46 25.74
C GLY A 626 17.38 -11.98 25.58
N VAL A 627 16.12 -11.60 25.42
CA VAL A 627 15.76 -10.20 25.21
C VAL A 627 15.66 -9.50 26.57
N MET A 628 16.51 -8.51 26.79
CA MET A 628 16.56 -7.77 28.04
C MET A 628 15.59 -6.58 27.97
N VAL A 629 14.57 -6.60 28.82
CA VAL A 629 13.49 -5.62 28.79
C VAL A 629 13.45 -4.91 30.14
N GLU A 630 13.46 -3.58 30.10
CA GLU A 630 13.53 -2.77 31.31
C GLU A 630 12.13 -2.40 31.82
N HIS A 631 12.09 -1.98 33.08
CA HIS A 631 10.82 -1.68 33.75
C HIS A 631 10.05 -0.57 33.03
N ALA A 632 10.75 0.50 32.64
CA ALA A 632 10.07 1.70 32.13
C ALA A 632 9.23 1.37 30.89
N GLY A 633 9.77 0.54 29.99
CA GLY A 633 9.03 0.19 28.79
C GLY A 633 7.81 -0.66 29.09
N VAL A 634 7.92 -1.57 30.05
CA VAL A 634 6.78 -2.41 30.42
C VAL A 634 5.69 -1.55 31.05
N VAL A 635 6.06 -0.61 31.92
CA VAL A 635 5.08 0.28 32.53
C VAL A 635 4.34 1.07 31.46
N ASN A 636 5.07 1.59 30.48
CA ASN A 636 4.44 2.31 29.37
C ASN A 636 3.49 1.39 28.60
N ARG A 637 3.92 0.15 28.35
CA ARG A 637 3.09 -0.80 27.61
C ARG A 637 1.82 -1.13 28.37
N LEU A 638 1.89 -1.21 29.70
CA LEU A 638 0.71 -1.54 30.50
C LEU A 638 -0.21 -0.33 30.66
N LEU A 639 0.36 0.85 30.87
CA LEU A 639 -0.48 2.04 31.06
C LEU A 639 -1.18 2.43 29.77
N TRP A 640 -0.55 2.22 28.61
CA TRP A 640 -1.25 2.45 27.35
C TRP A 640 -2.45 1.52 27.23
N MET A 641 -2.29 0.25 27.59
CA MET A 641 -3.36 -0.73 27.39
C MET A 641 -4.60 -0.36 28.21
N GLN A 642 -4.38 0.16 29.42
CA GLN A 642 -5.52 0.60 30.22
C GLN A 642 -6.16 1.86 29.65
N ARG A 643 -5.35 2.78 29.13
CA ARG A 643 -5.92 3.98 28.52
C ARG A 643 -6.73 3.64 27.28
N ALA A 644 -6.35 2.60 26.55
CA ALA A 644 -7.03 2.27 25.30
C ALA A 644 -8.30 1.45 25.54
N TYR A 645 -8.28 0.54 26.53
CA TYR A 645 -9.36 -0.44 26.68
C TYR A 645 -10.12 -0.33 27.99
N GLY A 646 -9.60 0.40 28.99
CA GLY A 646 -10.35 0.68 30.21
C GLY A 646 -10.82 -0.53 30.99
N LEU A 647 -9.89 -1.37 31.40
CA LEU A 647 -10.24 -2.53 32.22
C LEU A 647 -10.68 -2.08 33.60
N GLN A 648 -11.83 -2.58 34.05
CA GLN A 648 -12.44 -2.15 35.29
C GLN A 648 -12.23 -3.18 36.40
N PRO A 649 -12.26 -2.75 37.67
CA PRO A 649 -11.92 -3.67 38.76
C PRO A 649 -12.78 -4.92 38.85
N GLN A 650 -14.03 -4.86 38.42
CA GLN A 650 -14.90 -6.03 38.52
C GLN A 650 -14.72 -7.02 37.38
N GLU A 651 -13.81 -6.75 36.45
CA GLU A 651 -13.63 -7.63 35.29
C GLU A 651 -12.59 -8.71 35.60
N ALA A 652 -12.54 -9.71 34.72
CA ALA A 652 -11.60 -10.81 34.82
C ALA A 652 -10.83 -10.95 33.51
N VAL A 653 -9.55 -11.29 33.63
CA VAL A 653 -8.68 -11.58 32.49
C VAL A 653 -8.20 -13.02 32.65
N LEU A 654 -8.18 -13.76 31.53
CA LEU A 654 -7.75 -15.15 31.54
C LEU A 654 -6.25 -15.24 31.21
N GLN A 655 -5.50 -15.91 32.07
CA GLN A 655 -4.08 -16.16 31.84
C GLN A 655 -3.96 -17.50 31.13
N LYS A 656 -3.91 -17.46 29.80
CA LYS A 656 -3.88 -18.66 28.98
C LYS A 656 -2.64 -18.80 28.12
N THR A 657 -1.82 -17.75 28.02
CA THR A 657 -0.63 -17.78 27.18
C THR A 657 0.55 -18.35 27.97
N PRO A 658 1.29 -19.30 27.40
CA PRO A 658 2.50 -19.80 28.08
C PRO A 658 3.42 -18.64 28.45
N PHE A 659 3.90 -18.65 29.70
CA PHE A 659 4.57 -17.45 30.20
C PHE A 659 5.98 -17.28 29.65
N GLY A 660 6.44 -18.17 28.78
CA GLY A 660 7.65 -17.93 28.02
C GLY A 660 7.46 -17.03 26.81
N PHE A 661 6.22 -16.72 26.45
CA PHE A 661 5.91 -15.72 25.43
C PHE A 661 5.53 -14.41 26.10
N ASP A 662 6.03 -13.30 25.56
CA ASP A 662 5.86 -12.03 26.25
C ASP A 662 4.43 -11.49 26.18
N VAL A 663 3.55 -12.13 25.40
CA VAL A 663 2.13 -11.77 25.46
C VAL A 663 1.59 -11.96 26.88
N SER A 664 2.11 -12.97 27.59
CA SER A 664 1.68 -13.20 28.97
C SER A 664 2.02 -12.04 29.89
N VAL A 665 2.96 -11.17 29.48
CA VAL A 665 3.35 -10.04 30.32
C VAL A 665 2.16 -9.13 30.60
N TRP A 666 1.38 -8.80 29.56
CA TRP A 666 0.22 -7.96 29.83
C TRP A 666 -0.94 -8.76 30.43
N GLU A 667 -1.02 -10.06 30.15
CA GLU A 667 -2.00 -10.88 30.86
C GLU A 667 -1.76 -10.85 32.36
N PHE A 668 -0.49 -10.94 32.77
CA PHE A 668 -0.15 -10.92 34.19
C PHE A 668 -0.43 -9.56 34.81
N PHE A 669 0.18 -8.51 34.26
CA PHE A 669 0.35 -7.27 35.01
C PHE A 669 -0.66 -6.18 34.66
N TRP A 670 -1.38 -6.29 33.53
CA TRP A 670 -2.42 -5.31 33.25
C TRP A 670 -3.58 -5.38 34.25
N PRO A 671 -4.23 -6.53 34.48
CA PRO A 671 -5.31 -6.55 35.48
C PRO A 671 -4.83 -6.22 36.88
N LEU A 672 -3.63 -6.68 37.25
CA LEU A 672 -3.13 -6.46 38.61
C LEU A 672 -2.74 -5.01 38.85
N ALA A 673 -2.54 -4.22 37.79
CA ALA A 673 -2.25 -2.80 37.95
C ALA A 673 -3.50 -1.94 38.05
N VAL A 674 -4.67 -2.47 37.73
CA VAL A 674 -5.88 -1.66 37.64
C VAL A 674 -7.01 -2.14 38.54
N GLY A 675 -6.84 -3.27 39.24
CA GLY A 675 -7.84 -3.73 40.18
C GLY A 675 -8.65 -4.92 39.73
N ALA A 676 -8.51 -5.36 38.49
CA ALA A 676 -9.22 -6.54 38.04
C ALA A 676 -8.58 -7.79 38.60
N ARG A 677 -9.24 -8.92 38.40
CA ARG A 677 -8.72 -10.21 38.84
C ARG A 677 -8.18 -10.99 37.65
N LEU A 678 -7.16 -11.80 37.92
CA LEU A 678 -6.52 -12.63 36.92
C LEU A 678 -6.87 -14.09 37.19
N VAL A 679 -7.53 -14.73 36.24
CA VAL A 679 -7.88 -16.15 36.34
C VAL A 679 -6.78 -16.95 35.66
N MET A 680 -6.07 -17.75 36.45
CA MET A 680 -5.01 -18.61 35.93
C MET A 680 -5.64 -19.88 35.35
N ALA A 681 -5.55 -20.03 34.04
CA ALA A 681 -6.09 -21.23 33.40
C ALA A 681 -5.28 -22.45 33.81
N ARG A 682 -5.95 -23.60 33.83
CA ARG A 682 -5.33 -24.90 34.07
CA ARG A 682 -5.26 -24.84 34.13
C ARG A 682 -4.17 -25.09 33.09
N PRO A 683 -3.09 -25.76 33.49
CA PRO A 683 -1.98 -26.00 32.55
C PRO A 683 -2.47 -26.62 31.24
N GLN A 684 -2.05 -26.02 30.13
CA GLN A 684 -2.44 -26.44 28.79
C GLN A 684 -3.95 -26.38 28.59
N GLY A 685 -4.62 -25.48 29.33
CA GLY A 685 -6.07 -25.40 29.25
C GLY A 685 -6.58 -24.84 27.95
N GLN A 686 -5.81 -23.96 27.31
CA GLN A 686 -6.24 -23.37 26.05
C GLN A 686 -6.31 -24.40 24.92
N GLN A 687 -5.67 -25.56 25.10
CA GLN A 687 -5.72 -26.60 24.08
C GLN A 687 -6.97 -27.47 24.20
N ASP A 688 -7.75 -27.31 25.26
CA ASP A 688 -8.99 -28.05 25.42
C ASP A 688 -10.15 -27.15 25.03
N PRO A 689 -10.81 -27.38 23.89
CA PRO A 689 -11.90 -26.48 23.49
C PRO A 689 -13.05 -26.44 24.47
N ALA A 690 -13.39 -27.58 25.08
CA ALA A 690 -14.48 -27.60 26.05
C ALA A 690 -14.10 -26.85 27.33
N TYR A 691 -12.87 -27.06 27.82
CA TYR A 691 -12.44 -26.37 29.03
C TYR A 691 -12.42 -24.86 28.83
N LEU A 692 -11.98 -24.40 27.66
CA LEU A 692 -11.87 -22.97 27.42
C LEU A 692 -13.24 -22.30 27.47
N VAL A 693 -14.23 -22.89 26.80
CA VAL A 693 -15.58 -22.32 26.82
C VAL A 693 -16.15 -22.35 28.24
N GLU A 694 -15.99 -23.48 28.93
CA GLU A 694 -16.55 -23.60 30.28
C GLU A 694 -15.88 -22.64 31.24
N THR A 695 -14.59 -22.39 31.07
CA THR A 695 -13.89 -21.44 31.94
C THR A 695 -14.30 -20.01 31.65
N ILE A 696 -14.47 -19.68 30.36
CA ILE A 696 -14.91 -18.34 30.00
C ILE A 696 -16.28 -18.03 30.59
N VAL A 697 -17.20 -18.99 30.48
CA VAL A 697 -18.55 -18.79 31.02
C VAL A 697 -18.52 -18.89 32.55
N GLY A 698 -17.84 -19.90 33.08
CA GLY A 698 -17.88 -20.15 34.51
C GLY A 698 -17.21 -19.07 35.34
N GLN A 699 -16.14 -18.47 34.82
CA GLN A 699 -15.37 -17.48 35.56
C GLN A 699 -15.63 -16.05 35.09
N ASP A 700 -16.62 -15.85 34.22
CA ASP A 700 -16.97 -14.52 33.71
C ASP A 700 -15.76 -13.82 33.10
N ILE A 701 -15.04 -14.54 32.24
CA ILE A 701 -13.87 -13.97 31.57
C ILE A 701 -14.33 -12.88 30.61
N GLY A 702 -13.70 -11.71 30.70
CA GLY A 702 -14.05 -10.60 29.83
C GLY A 702 -13.00 -10.29 28.78
N THR A 703 -11.76 -10.69 29.03
CA THR A 703 -10.64 -10.35 28.16
C THR A 703 -9.69 -11.54 28.05
N LEU A 704 -9.30 -11.86 26.82
CA LEU A 704 -8.33 -12.93 26.60
C LEU A 704 -7.67 -12.72 25.25
N HIS A 705 -6.57 -13.42 25.04
CA HIS A 705 -5.74 -13.30 23.85
C HIS A 705 -5.84 -14.55 22.99
N PHE A 706 -5.75 -14.36 21.68
CA PHE A 706 -5.68 -15.43 20.71
C PHE A 706 -4.68 -15.09 19.63
N VAL A 707 -3.87 -16.07 19.22
CA VAL A 707 -3.21 -15.97 17.93
C VAL A 707 -4.27 -16.32 16.89
N PRO A 708 -4.26 -15.70 15.71
CA PRO A 708 -5.36 -15.94 14.75
C PRO A 708 -5.67 -17.40 14.47
N SER A 709 -4.66 -18.27 14.43
CA SER A 709 -4.92 -19.69 14.18
C SER A 709 -5.75 -20.30 15.31
N MET A 710 -5.55 -19.84 16.54
CA MET A 710 -6.34 -20.34 17.67
C MET A 710 -7.65 -19.61 17.84
N LEU A 711 -7.76 -18.36 17.36
CA LEU A 711 -9.07 -17.73 17.27
C LEU A 711 -9.97 -18.47 16.28
N GLN A 712 -9.39 -18.99 15.20
CA GLN A 712 -10.15 -19.80 14.25
C GLN A 712 -10.70 -21.05 14.94
N ALA A 713 -9.87 -21.73 15.74
CA ALA A 713 -10.35 -22.90 16.47
C ALA A 713 -11.39 -22.52 17.50
N PHE A 714 -11.30 -21.30 18.06
CA PHE A 714 -12.26 -20.86 19.06
C PHE A 714 -13.65 -20.65 18.43
N VAL A 715 -13.70 -19.95 17.30
CA VAL A 715 -14.98 -19.69 16.66
C VAL A 715 -15.57 -20.96 16.05
N ASP A 716 -14.76 -21.98 15.81
CA ASP A 716 -15.23 -23.26 15.30
C ASP A 716 -15.53 -24.25 16.42
N SER A 717 -15.33 -23.88 17.68
CA SER A 717 -15.51 -24.80 18.78
C SER A 717 -16.97 -24.86 19.22
N GLU A 718 -17.31 -25.96 19.89
CA GLU A 718 -18.67 -26.17 20.39
C GLU A 718 -18.98 -25.19 21.51
N GLY A 719 -20.15 -24.57 21.43
CA GLY A 719 -20.60 -23.67 22.48
C GLY A 719 -19.90 -22.33 22.54
N VAL A 720 -19.23 -21.92 21.45
CA VAL A 720 -18.57 -20.62 21.45
C VAL A 720 -19.59 -19.50 21.58
N GLN A 721 -20.82 -19.70 21.08
CA GLN A 721 -21.84 -18.66 21.17
C GLN A 721 -22.35 -18.46 22.58
N ARG A 722 -21.97 -19.32 23.53
CA ARG A 722 -22.30 -19.11 24.93
C ARG A 722 -21.48 -18.01 25.56
N CYS A 723 -20.40 -17.57 24.91
CA CYS A 723 -19.47 -16.61 25.52
C CYS A 723 -19.85 -15.16 25.21
N ARG A 724 -21.12 -14.83 25.42
CA ARG A 724 -21.58 -13.47 25.15
C ARG A 724 -21.18 -12.48 26.24
N GLY A 725 -20.57 -12.94 27.32
CA GLY A 725 -20.03 -12.03 28.31
C GLY A 725 -18.64 -11.50 28.00
N VAL A 726 -17.99 -12.08 26.98
CA VAL A 726 -16.66 -11.62 26.60
C VAL A 726 -16.73 -10.18 26.11
N ARG A 727 -15.78 -9.37 26.56
CA ARG A 727 -15.71 -7.96 26.19
C ARG A 727 -14.67 -7.69 25.11
N ARG A 728 -13.44 -8.18 25.31
CA ARG A 728 -12.32 -7.88 24.43
C ARG A 728 -11.58 -9.16 24.05
N ILE A 729 -11.26 -9.29 22.78
CA ILE A 729 -10.37 -10.33 22.29
C ILE A 729 -9.20 -9.64 21.60
N VAL A 730 -8.00 -9.86 22.12
CA VAL A 730 -6.77 -9.27 21.58
C VAL A 730 -6.09 -10.32 20.70
N CYS A 731 -5.80 -9.95 19.46
CA CYS A 731 -5.09 -10.80 18.53
C CYS A 731 -3.70 -10.25 18.23
N SER A 732 -2.72 -11.14 18.19
CA SER A 732 -1.35 -10.80 17.83
C SER A 732 -0.60 -12.10 17.54
N GLY A 733 0.51 -11.98 16.82
CA GLY A 733 1.41 -13.08 16.55
C GLY A 733 1.34 -13.61 15.14
N GLU A 734 0.20 -13.47 14.47
CA GLU A 734 0.04 -13.90 13.09
C GLU A 734 -0.77 -12.85 12.34
N ALA A 735 -0.83 -13.00 11.03
CA ALA A 735 -1.72 -12.18 10.23
C ALA A 735 -3.18 -12.51 10.57
N LEU A 736 -4.00 -11.48 10.71
CA LEU A 736 -5.40 -11.66 11.04
C LEU A 736 -6.25 -11.47 9.78
N PRO A 737 -6.81 -12.54 9.22
CA PRO A 737 -7.67 -12.37 8.04
C PRO A 737 -8.97 -11.69 8.40
N GLY A 738 -9.44 -10.81 7.50
CA GLY A 738 -10.71 -10.15 7.72
C GLY A 738 -11.88 -11.11 7.75
N ALA A 739 -11.75 -12.25 7.08
CA ALA A 739 -12.82 -13.25 7.13
C ALA A 739 -12.97 -13.83 8.53
N LEU A 740 -11.85 -14.08 9.22
CA LEU A 740 -11.92 -14.56 10.59
C LEU A 740 -12.52 -13.51 11.52
N ALA A 741 -12.19 -12.25 11.30
CA ALA A 741 -12.78 -11.17 12.08
C ALA A 741 -14.29 -11.13 11.89
N ARG A 742 -14.76 -11.24 10.65
CA ARG A 742 -16.20 -11.28 10.40
C ARG A 742 -16.84 -12.51 11.02
N ARG A 743 -16.13 -13.65 10.98
CA ARG A 743 -16.67 -14.87 11.58
C ARG A 743 -16.84 -14.70 13.09
N LEU A 744 -15.90 -14.02 13.73
CA LEU A 744 -16.03 -13.76 15.16
C LEU A 744 -17.23 -12.86 15.46
N ARG A 745 -17.49 -11.88 14.58
CA ARG A 745 -18.67 -11.03 14.77
C ARG A 745 -19.96 -11.84 14.70
N GLN A 746 -20.00 -12.83 13.80
CA GLN A 746 -21.21 -13.64 13.67
C GLN A 746 -21.43 -14.51 14.91
N GLN A 747 -20.35 -15.02 15.49
CA GLN A 747 -20.48 -15.89 16.66
C GLN A 747 -20.70 -15.08 17.93
N LEU A 748 -19.99 -13.96 18.09
CA LEU A 748 -20.07 -13.13 19.28
C LEU A 748 -20.23 -11.68 18.84
N PRO A 749 -21.47 -11.23 18.60
CA PRO A 749 -21.68 -9.87 18.08
C PRO A 749 -21.28 -8.77 19.04
N GLN A 750 -21.04 -9.07 20.31
CA GLN A 750 -20.74 -8.05 21.29
C GLN A 750 -19.25 -7.83 21.52
N VAL A 751 -18.41 -8.80 21.13
CA VAL A 751 -16.99 -8.74 21.50
C VAL A 751 -16.28 -7.68 20.68
N GLU A 752 -15.35 -6.97 21.32
CA GLU A 752 -14.47 -6.05 20.64
C GLU A 752 -13.21 -6.79 20.22
N LEU A 753 -12.87 -6.72 18.94
CA LEU A 753 -11.69 -7.37 18.40
C LEU A 753 -10.62 -6.33 18.11
N HIS A 754 -9.43 -6.54 18.67
CA HIS A 754 -8.31 -5.63 18.51
C HIS A 754 -7.10 -6.40 17.99
N ASN A 755 -6.46 -5.85 16.95
CA ASN A 755 -5.30 -6.48 16.33
C ASN A 755 -4.05 -5.72 16.77
N LEU A 756 -3.12 -6.43 17.41
CA LEU A 756 -1.91 -5.84 17.94
C LEU A 756 -0.69 -6.45 17.26
N TYR A 757 0.41 -5.70 17.26
CA TYR A 757 1.64 -6.12 16.61
C TYR A 757 2.84 -5.62 17.40
N GLY A 758 3.86 -6.46 17.51
CA GLY A 758 5.09 -6.06 18.13
C GLY A 758 6.00 -7.23 18.47
N PRO A 759 7.31 -7.05 18.26
CA PRO A 759 8.27 -8.09 18.61
C PRO A 759 8.64 -8.00 20.09
N THR A 760 9.27 -9.07 20.57
CA THR A 760 9.74 -9.13 21.95
C THR A 760 10.73 -8.00 22.24
N GLU A 761 11.54 -7.62 21.25
CA GLU A 761 12.54 -6.58 21.38
C GLU A 761 11.94 -5.18 21.49
N ALA A 762 10.61 -5.05 21.46
CA ALA A 762 9.96 -3.75 21.62
C ALA A 762 8.84 -3.83 22.65
N THR A 763 9.00 -4.71 23.65
CA THR A 763 8.07 -4.83 24.77
C THR A 763 6.64 -5.18 24.31
N VAL A 764 6.43 -6.43 23.93
CA VAL A 764 5.12 -7.05 23.74
C VAL A 764 4.42 -6.53 22.47
N ASP A 765 3.93 -5.30 22.49
CA ASP A 765 3.22 -4.76 21.33
C ASP A 765 3.51 -3.28 21.18
N VAL A 766 3.56 -2.83 19.93
CA VAL A 766 3.82 -1.42 19.63
C VAL A 766 2.76 -0.77 18.76
N THR A 767 1.90 -1.52 18.06
CA THR A 767 0.79 -0.93 17.32
C THR A 767 -0.48 -1.70 17.65
N ALA A 768 -1.62 -1.03 17.44
CA ALA A 768 -2.92 -1.63 17.69
C ALA A 768 -3.92 -1.08 16.68
N TRP A 769 -4.88 -1.92 16.31
CA TRP A 769 -5.96 -1.51 15.41
C TRP A 769 -7.26 -2.14 15.89
N ALA A 770 -8.26 -1.31 16.17
CA ALA A 770 -9.56 -1.80 16.56
C ALA A 770 -10.33 -2.25 15.32
N CYS A 771 -10.86 -3.47 15.38
CA CYS A 771 -11.64 -4.03 14.27
C CYS A 771 -13.12 -3.67 14.42
N ASP A 772 -13.39 -2.37 14.49
CA ASP A 772 -14.72 -1.87 14.76
C ASP A 772 -15.40 -1.24 13.55
N ALA A 773 -14.78 -1.27 12.38
CA ALA A 773 -15.42 -0.74 11.19
C ALA A 773 -16.63 -1.60 10.81
N ALA A 774 -17.63 -0.95 10.20
CA ALA A 774 -18.82 -1.68 9.78
C ALA A 774 -18.47 -2.76 8.75
N GLU A 775 -17.59 -2.43 7.82
CA GLU A 775 -17.07 -3.40 6.86
C GLU A 775 -15.57 -3.50 7.04
N LEU A 776 -15.07 -4.72 7.28
CA LEU A 776 -13.67 -4.94 7.55
C LEU A 776 -12.91 -5.36 6.30
N PRO A 777 -11.68 -4.89 6.13
CA PRO A 777 -10.91 -5.27 4.95
C PRO A 777 -10.42 -6.71 5.04
N ASP A 778 -10.07 -7.26 3.88
CA ASP A 778 -9.59 -8.64 3.82
C ASP A 778 -8.29 -8.81 4.60
N ASN A 779 -7.44 -7.79 4.62
CA ASN A 779 -6.20 -7.81 5.38
C ASN A 779 -6.32 -6.79 6.50
N ILE A 780 -6.39 -7.27 7.74
CA ILE A 780 -6.55 -6.41 8.90
C ILE A 780 -5.23 -5.68 9.17
N PRO A 781 -5.25 -4.35 9.21
CA PRO A 781 -4.02 -3.61 9.49
C PRO A 781 -3.52 -3.88 10.91
N ILE A 782 -2.22 -3.61 11.11
CA ILE A 782 -1.67 -3.67 12.46
C ILE A 782 -1.86 -2.37 13.22
N GLY A 783 -2.23 -1.29 12.52
CA GLY A 783 -2.72 -0.10 13.19
C GLY A 783 -1.73 1.02 13.38
N ARG A 784 -1.86 1.74 14.50
CA ARG A 784 -1.12 2.94 14.82
C ARG A 784 -0.25 2.72 16.06
N PRO A 785 0.90 3.41 16.15
CA PRO A 785 1.79 3.18 17.29
C PRO A 785 1.12 3.53 18.61
N VAL A 786 1.52 2.81 19.65
CA VAL A 786 0.98 3.01 20.99
C VAL A 786 1.66 4.19 21.64
N ASP A 787 1.36 4.43 22.92
CA ASP A 787 1.87 5.61 23.61
C ASP A 787 3.39 5.62 23.65
N ASN A 788 3.97 6.80 23.39
CA ASN A 788 5.41 7.02 23.49
C ASN A 788 6.21 6.06 22.62
N THR A 789 5.61 5.64 21.50
CA THR A 789 6.20 4.69 20.58
C THR A 789 6.10 5.25 19.17
N THR A 790 7.16 5.06 18.38
CA THR A 790 7.21 5.55 17.01
C THR A 790 7.45 4.38 16.06
N MET A 791 6.96 4.54 14.83
CA MET A 791 7.09 3.53 13.79
C MET A 791 7.61 4.18 12.52
N TYR A 792 8.50 3.48 11.82
CA TYR A 792 9.10 3.98 10.60
C TYR A 792 9.16 2.87 9.56
N VAL A 793 8.93 3.24 8.30
CA VAL A 793 9.03 2.32 7.17
C VAL A 793 10.14 2.86 6.28
N LEU A 794 11.31 2.23 6.33
CA LEU A 794 12.52 2.75 5.70
C LEU A 794 12.98 1.85 4.57
N ASP A 795 13.67 2.44 3.59
CA ASP A 795 14.25 1.68 2.49
C ASP A 795 15.59 1.10 2.95
N ALA A 796 16.34 0.51 2.01
CA ALA A 796 17.61 -0.12 2.35
C ALA A 796 18.67 0.88 2.81
N HIS A 797 18.46 2.18 2.57
CA HIS A 797 19.41 3.21 2.98
C HIS A 797 18.90 4.02 4.17
N GLY A 798 17.91 3.50 4.89
CA GLY A 798 17.40 4.19 6.06
C GLY A 798 16.57 5.42 5.76
N GLN A 799 16.11 5.58 4.53
CA GLN A 799 15.30 6.72 4.18
C GLN A 799 13.82 6.35 4.19
N PRO A 800 12.94 7.28 4.59
CA PRO A 800 11.51 6.99 4.55
C PRO A 800 11.02 6.86 3.11
N VAL A 801 10.06 5.96 2.91
CA VAL A 801 9.52 5.69 1.59
C VAL A 801 8.18 6.41 1.43
N PRO A 802 7.71 6.64 0.21
CA PRO A 802 6.38 7.25 0.04
C PRO A 802 5.28 6.39 0.66
N THR A 803 4.14 7.04 0.89
CA THR A 803 2.99 6.35 1.46
C THR A 803 2.54 5.23 0.53
N GLY A 804 2.40 4.03 1.08
CA GLY A 804 2.01 2.86 0.33
C GLY A 804 3.16 1.98 -0.11
N VAL A 805 4.38 2.51 -0.11
CA VAL A 805 5.56 1.75 -0.55
C VAL A 805 6.02 0.85 0.57
N ALA A 806 6.38 -0.39 0.23
CA ALA A 806 6.85 -1.36 1.20
C ALA A 806 8.28 -1.05 1.62
N GLY A 807 8.56 -1.23 2.91
CA GLY A 807 9.91 -1.07 3.44
C GLY A 807 10.00 -1.79 4.76
N GLU A 808 11.20 -1.72 5.36
CA GLU A 808 11.44 -2.42 6.62
C GLU A 808 10.92 -1.59 7.79
N ILE A 809 10.18 -2.25 8.68
CA ILE A 809 9.59 -1.59 9.84
C ILE A 809 10.67 -1.35 10.89
N HIS A 810 10.75 -0.12 11.38
CA HIS A 810 11.63 0.25 12.48
C HIS A 810 10.80 0.82 13.62
N ILE A 811 11.20 0.50 14.85
CA ILE A 811 10.45 0.86 16.05
C ILE A 811 11.33 1.75 16.93
N GLY A 812 10.76 2.88 17.38
CA GLY A 812 11.45 3.75 18.32
C GLY A 812 10.59 3.98 19.55
N GLY A 813 11.18 4.66 20.53
CA GLY A 813 10.49 5.04 21.73
C GLY A 813 10.97 4.27 22.95
N VAL A 814 10.22 4.43 24.04
CA VAL A 814 10.65 3.91 25.34
C VAL A 814 10.55 2.39 25.43
N GLN A 815 9.78 1.75 24.54
CA GLN A 815 9.60 0.31 24.63
C GLN A 815 10.70 -0.49 23.92
N VAL A 816 11.63 0.18 23.25
CA VAL A 816 12.74 -0.53 22.63
C VAL A 816 13.59 -1.17 23.71
N ALA A 817 13.80 -2.48 23.61
CA ALA A 817 14.48 -3.25 24.64
C ALA A 817 15.94 -2.82 24.76
N ARG A 818 16.57 -3.24 25.87
CA ARG A 818 17.98 -2.91 26.07
C ARG A 818 18.89 -3.64 25.09
N GLY A 819 18.51 -4.86 24.69
CA GLY A 819 19.30 -5.62 23.76
C GLY A 819 19.24 -7.10 24.07
N TYR A 820 20.15 -7.85 23.48
CA TYR A 820 20.24 -9.29 23.67
C TYR A 820 21.29 -9.61 24.72
N LEU A 821 20.92 -10.45 25.68
CA LEU A 821 21.81 -10.77 26.79
C LEU A 821 23.03 -11.54 26.29
N GLY A 822 24.21 -10.97 26.51
CA GLY A 822 25.44 -11.64 26.14
C GLY A 822 25.74 -11.65 24.67
N ARG A 823 25.10 -10.81 23.87
CA ARG A 823 25.30 -10.77 22.42
C ARG A 823 25.39 -9.32 21.95
N PRO A 824 26.51 -8.65 22.27
CA PRO A 824 26.61 -7.22 21.93
C PRO A 824 26.70 -6.92 20.45
N GLU A 825 27.32 -7.80 19.65
CA GLU A 825 27.42 -7.56 18.22
C GLU A 825 26.05 -7.53 17.56
N LEU A 826 25.25 -8.57 17.81
CA LEU A 826 23.90 -8.62 17.25
C LEU A 826 23.05 -7.47 17.78
N THR A 827 23.26 -7.08 19.04
CA THR A 827 22.53 -5.94 19.59
C THR A 827 22.85 -4.67 18.82
N ARG A 828 24.13 -4.44 18.51
CA ARG A 828 24.51 -3.26 17.75
C ARG A 828 23.96 -3.29 16.33
N GLU A 829 23.79 -4.49 15.76
CA GLU A 829 23.26 -4.60 14.41
C GLU A 829 21.79 -4.25 14.34
N ARG A 830 21.00 -4.70 15.33
CA ARG A 830 19.55 -4.55 15.29
C ARG A 830 19.04 -3.37 16.10
N PHE A 831 19.81 -2.86 17.05
CA PHE A 831 19.43 -1.71 17.86
C PHE A 831 20.35 -0.55 17.45
N VAL A 832 19.86 0.28 16.53
CA VAL A 832 20.68 1.32 15.90
C VAL A 832 20.28 2.68 16.45
N PRO A 833 21.13 3.70 16.34
CA PRO A 833 20.76 5.02 16.86
C PRO A 833 19.50 5.56 16.18
N ASP A 834 18.72 6.30 16.96
CA ASP A 834 17.48 6.89 16.47
C ASP A 834 17.78 8.29 15.92
N PRO A 835 17.72 8.51 14.61
CA PRO A 835 18.00 9.84 14.05
C PRO A 835 16.80 10.77 13.96
N TYR A 836 15.65 10.39 14.50
CA TYR A 836 14.43 11.20 14.41
C TYR A 836 13.97 11.78 15.73
N ALA A 837 14.12 11.03 16.83
CA ALA A 837 13.49 11.39 18.08
C ALA A 837 14.02 12.69 18.69
N GLY A 838 15.21 13.13 18.28
CA GLY A 838 15.80 14.27 18.93
C GLY A 838 16.22 14.04 20.36
N ARG A 839 16.41 12.78 20.73
CA ARG A 839 16.82 12.41 22.08
C ARG A 839 18.17 11.71 22.03
N PRO A 840 19.17 12.18 22.76
CA PRO A 840 20.47 11.51 22.75
C PRO A 840 20.37 10.11 23.34
N GLY A 841 21.01 9.16 22.67
CA GLY A 841 21.04 7.79 23.12
C GLY A 841 19.84 6.94 22.75
N ALA A 842 18.78 7.55 22.21
CA ALA A 842 17.62 6.78 21.79
C ALA A 842 17.98 5.84 20.64
N ARG A 843 17.26 4.73 20.56
CA ARG A 843 17.58 3.68 19.60
C ARG A 843 16.33 3.21 18.87
N LEU A 844 16.53 2.76 17.63
CA LEU A 844 15.51 2.09 16.85
C LEU A 844 15.79 0.59 16.83
N TYR A 845 14.73 -0.20 16.76
CA TYR A 845 14.85 -1.64 16.55
C TYR A 845 14.50 -1.97 15.11
N LYS A 846 15.41 -2.63 14.42
CA LYS A 846 15.17 -3.12 13.06
C LYS A 846 14.44 -4.45 13.14
N THR A 847 13.15 -4.45 12.78
CA THR A 847 12.32 -5.63 12.97
C THR A 847 12.65 -6.74 11.99
N GLY A 848 13.17 -6.41 10.81
CA GLY A 848 13.25 -7.39 9.76
C GLY A 848 11.92 -7.73 9.13
N ASP A 849 10.86 -7.02 9.48
CA ASP A 849 9.54 -7.16 8.89
C ASP A 849 9.32 -6.12 7.81
N LEU A 850 8.55 -6.50 6.79
CA LEU A 850 8.14 -5.56 5.76
C LEU A 850 6.77 -4.99 6.10
N GLY A 851 6.56 -3.72 5.76
CA GLY A 851 5.30 -3.07 6.01
C GLY A 851 5.17 -1.83 5.16
N ARG A 852 3.99 -1.21 5.24
CA ARG A 852 3.73 0.02 4.51
C ARG A 852 2.71 0.85 5.26
N TRP A 853 2.77 2.16 5.08
CA TRP A 853 1.76 3.06 5.60
C TRP A 853 0.57 3.10 4.66
N LEU A 854 -0.63 3.09 5.23
CA LEU A 854 -1.84 3.27 4.46
C LEU A 854 -2.23 4.75 4.44
N LEU A 855 -3.27 5.06 3.65
CA LEU A 855 -3.70 6.45 3.48
C LEU A 855 -4.11 7.08 4.81
N ASP A 856 -4.82 6.33 5.65
CA ASP A 856 -5.36 6.86 6.89
C ASP A 856 -4.34 6.89 8.03
N GLY A 857 -3.07 6.70 7.74
CA GLY A 857 -2.07 6.72 8.79
C GLY A 857 -2.01 5.46 9.62
N THR A 858 -2.41 4.32 9.05
CA THR A 858 -2.31 3.03 9.71
C THR A 858 -1.30 2.16 8.98
N LEU A 859 -0.70 1.23 9.72
CA LEU A 859 0.34 0.37 9.17
C LEU A 859 -0.24 -0.97 8.74
N GLU A 860 0.41 -1.58 7.75
CA GLU A 860 0.02 -2.88 7.23
C GLU A 860 1.24 -3.79 7.22
N TYR A 861 1.11 -4.96 7.80
CA TYR A 861 2.19 -5.94 7.82
C TYR A 861 2.20 -6.72 6.50
N LEU A 862 3.39 -6.82 5.90
CA LEU A 862 3.52 -7.43 4.58
C LEU A 862 4.38 -8.69 4.57
N GLY A 863 4.94 -9.10 5.69
CA GLY A 863 5.75 -10.30 5.77
C GLY A 863 7.17 -10.01 6.20
N ARG A 864 8.02 -11.02 6.08
CA ARG A 864 9.42 -10.89 6.43
C ARG A 864 10.21 -10.25 5.31
N ASN A 865 11.24 -9.49 5.68
CA ASN A 865 12.04 -8.77 4.70
C ASN A 865 12.81 -9.72 3.78
N ASP A 866 13.14 -10.91 4.27
CA ASP A 866 13.87 -11.90 3.46
C ASP A 866 12.92 -12.99 2.98
C FMT B . 25.12 -16.39 40.40
O1 FMT B . 24.95 -17.34 39.65
O2 FMT B . 25.95 -15.51 40.21
S SO4 C . -0.59 -14.25 55.43
O1 SO4 C . -1.87 -14.73 55.95
O2 SO4 C . 0.18 -13.67 56.52
O3 SO4 C . -0.84 -13.24 54.41
O4 SO4 C . 0.14 -15.38 54.85
S SO4 D . 0.80 -23.60 29.13
O1 SO4 D . 0.08 -24.19 30.26
O2 SO4 D . 2.03 -22.99 29.62
O3 SO4 D . -0.03 -22.58 28.49
O4 SO4 D . 1.12 -24.64 28.16
S SO4 E . 13.18 -33.84 26.96
O1 SO4 E . 13.13 -32.77 27.96
O2 SO4 E . 13.50 -35.10 27.63
O3 SO4 E . 14.21 -33.53 25.97
O4 SO4 E . 11.88 -33.95 26.31
S SO4 F . 4.03 -11.12 59.25
O1 SO4 F . 4.00 -9.78 58.69
O2 SO4 F . 4.70 -11.09 60.56
O3 SO4 F . 2.67 -11.62 59.42
O4 SO4 F . 4.77 -12.01 58.35
S SO4 G . -3.31 -7.77 56.27
O1 SO4 G . -2.43 -6.76 55.69
O2 SO4 G . -3.67 -7.36 57.62
O3 SO4 G . -4.51 -7.88 55.45
O4 SO4 G . -2.63 -9.05 56.30
S SO4 H . 9.70 3.59 51.04
O1 SO4 H . 10.61 4.73 51.18
O2 SO4 H . 9.50 2.97 52.33
O3 SO4 H . 8.42 4.07 50.52
O4 SO4 H . 10.27 2.63 50.11
S SO4 I . 15.81 5.80 35.12
O1 SO4 I . 15.74 6.98 35.97
O2 SO4 I . 16.02 4.61 35.96
O3 SO4 I . 14.57 5.65 34.37
O4 SO4 I . 16.93 5.94 34.19
S SO4 J . -5.77 8.31 20.98
O1 SO4 J . -4.95 9.27 21.72
O2 SO4 J . -6.98 8.01 21.74
O3 SO4 J . -6.13 8.88 19.69
O4 SO4 J . -5.00 7.08 20.78
S SO4 K . 0.74 15.91 0.74
O1 SO4 K . 2.14 15.66 1.11
O2 SO4 K . 0.04 16.49 1.88
O3 SO4 K . 0.69 16.83 -0.39
O4 SO4 K . 0.10 14.65 0.38
S SO4 L . 23.11 -18.73 16.02
O1 SO4 L . 24.40 -18.06 15.84
O2 SO4 L . 22.72 -18.67 17.43
O3 SO4 L . 22.10 -18.08 15.21
O4 SO4 L . 23.24 -20.14 15.63
S SO4 M . 16.27 -16.64 16.48
O1 SO4 M . 16.98 -15.39 16.31
O2 SO4 M . 16.11 -16.92 17.90
O3 SO4 M . 14.95 -16.55 15.86
O4 SO4 M . 17.02 -17.72 15.86
S SO4 N . 8.60 -8.87 -47.63
O1 SO4 N . 9.90 -8.75 -46.97
O2 SO4 N . 7.54 -8.47 -46.70
O3 SO4 N . 8.57 -7.99 -48.80
O4 SO4 N . 8.38 -10.25 -48.04
S SO4 O . 2.47 -10.50 12.64
O1 SO4 O . 3.73 -9.78 12.57
O2 SO4 O . 2.23 -10.93 14.02
O3 SO4 O . 1.38 -9.62 12.21
O4 SO4 O . 2.54 -11.67 11.77
N1 EPE P . 24.44 -7.64 31.44
C2 EPE P . 24.82 -6.32 31.98
C3 EPE P . 24.96 -6.40 33.49
N4 EPE P . 23.80 -7.04 34.06
C5 EPE P . 22.68 -7.35 33.19
C6 EPE P . 23.15 -8.14 31.97
C7 EPE P . 23.85 -7.54 35.42
C8 EPE P . 24.92 -8.60 35.60
O8 EPE P . 24.65 -9.35 36.76
C9 EPE P . 24.37 -7.59 29.98
C10 EPE P . 25.79 -7.46 29.43
S EPE P . 25.93 -7.99 27.70
O1S EPE P . 26.73 -9.21 27.66
O2S EPE P . 26.58 -6.94 26.91
O3S EPE P . 24.60 -8.26 27.16
O1 MES Q . 27.01 -16.56 23.60
C2 MES Q . 25.98 -16.40 22.63
C3 MES Q . 26.55 -16.02 21.26
N4 MES Q . 27.42 -14.87 21.48
C5 MES Q . 28.50 -15.02 22.46
C6 MES Q . 27.81 -15.39 23.76
C7 MES Q . 27.67 -14.02 20.33
C8 MES Q . 28.02 -12.65 20.91
S MES Q . 27.99 -11.50 19.70
O1S MES Q . 26.59 -11.19 19.33
O2S MES Q . 28.64 -10.26 20.21
O3S MES Q . 28.72 -11.99 18.51
C1 GOL R . 23.16 -1.51 37.97
O1 GOL R . 24.04 -2.50 38.42
C2 GOL R . 23.37 -0.27 38.87
O2 GOL R . 22.78 -0.44 40.12
C3 GOL R . 22.77 0.90 38.07
O3 GOL R . 23.20 0.77 36.76
C1 GOL S . -7.24 19.72 -33.08
O1 GOL S . -6.68 20.85 -33.69
C2 GOL S . -8.67 20.13 -32.63
O2 GOL S . -8.82 21.51 -32.56
C3 GOL S . -8.86 19.45 -31.26
O3 GOL S . -10.11 19.86 -30.78
#